data_6T37
#
_entry.id   6T37
#
_cell.length_a   63.910
_cell.length_b   152.570
_cell.length_c   134.720
_cell.angle_alpha   90.000
_cell.angle_beta   93.390
_cell.angle_gamma   90.000
#
_symmetry.space_group_name_H-M   'C 1 2 1'
#
loop_
_entity.id
_entity.type
_entity.pdbx_description
1 polymer 'Glucose-1-phosphate thymidylyltransferase'
2 non-polymer ~{N}-[6-[3-[4-(aminomethyl)-1,2,3-triazol-1-yl]propylamino]-2,4-bis(oxidanylidene)-1-(phenylmethyl)pyrimidin-5-yl]-~{N}-methyl-benzenesulfonamide
3 non-polymer '2-(N-MORPHOLINO)-ETHANESULFONIC ACID'
4 non-polymer 'CHLORIDE ION'
5 water water
#
_entity_poly.entity_id   1
_entity_poly.type   'polypeptide(L)'
_entity_poly.pdbx_seq_one_letter_code
;HHHHHHGSMAMKRKGIILAGGSGTRLHPATLAISKQLLPVYDKPMIYYPLSTLMLAGIREILIISTPQDTPRFQQLLGDG
SNWGLDLQYAVQPSPDGLAQAFLIGESFIGNDLSALVLGDNLYYGHDFHELLGSASQRQTGASVFAYHVLDPERYGVVEF
DQGGKAISLEEKPLEPKSNYAVTGLYFYDQQVVDIARDLKPSPRGELEITDVNRAYLERGQLSVEIMGRGYAWLDTGTHD
SLLEAGQFIATLENRQGLKVACPEEIAYRQKWIDAAQLEKLAAPLAKNGYGQYLKRLLTETVY
;
_entity_poly.pdbx_strand_id   A,B,C,D
#
# COMPACT_ATOMS: atom_id res chain seq x y z
N LYS A 12 -23.30 5.10 -12.82
CA LYS A 12 -22.13 4.86 -11.89
C LYS A 12 -21.06 5.92 -12.13
N ARG A 13 -20.67 6.65 -11.08
CA ARG A 13 -19.57 7.64 -11.13
C ARG A 13 -18.42 7.16 -10.23
N LYS A 14 -17.21 7.12 -10.79
CA LYS A 14 -15.98 6.73 -10.07
C LYS A 14 -15.23 7.98 -9.62
N GLY A 15 -14.52 7.89 -8.50
CA GLY A 15 -13.79 9.02 -7.91
C GLY A 15 -12.29 8.87 -8.10
N ILE A 16 -11.60 9.98 -8.31
CA ILE A 16 -10.11 10.06 -8.24
C ILE A 16 -9.73 11.16 -7.25
N ILE A 17 -8.84 10.84 -6.30
CA ILE A 17 -8.14 11.83 -5.42
C ILE A 17 -6.70 11.94 -5.93
N LEU A 18 -6.34 13.13 -6.41
CA LEU A 18 -4.95 13.43 -6.80
C LEU A 18 -4.20 13.95 -5.56
N ALA A 19 -3.36 13.10 -4.98
CA ALA A 19 -2.56 13.39 -3.77
C ALA A 19 -1.08 13.25 -4.09
N GLY A 20 -0.60 13.88 -5.15
CA GLY A 20 0.78 13.71 -5.65
C GLY A 20 1.78 14.63 -4.98
N GLY A 21 1.57 14.98 -3.71
CA GLY A 21 2.46 15.90 -2.96
C GLY A 21 2.34 17.32 -3.48
N SER A 22 3.45 18.09 -3.43
CA SER A 22 3.48 19.55 -3.69
C SER A 22 4.88 19.99 -4.15
N GLY A 23 5.60 19.09 -4.82
CA GLY A 23 7.03 19.24 -5.11
C GLY A 23 7.81 19.68 -3.87
N THR A 24 8.52 20.80 -3.95
CA THR A 24 9.38 21.36 -2.86
C THR A 24 8.73 22.62 -2.26
N ARG A 25 7.50 22.94 -2.63
CA ARG A 25 6.82 24.22 -2.31
C ARG A 25 6.74 24.42 -0.79
N LEU A 26 6.40 23.37 -0.03
CA LEU A 26 6.16 23.41 1.43
C LEU A 26 7.34 22.77 2.19
N HIS A 27 8.49 22.56 1.53
CA HIS A 27 9.73 22.07 2.19
C HIS A 27 10.22 23.12 3.19
N PRO A 28 10.82 22.74 4.34
CA PRO A 28 11.06 21.33 4.70
C PRO A 28 9.93 20.57 5.42
N ALA A 29 8.79 21.21 5.66
CA ALA A 29 7.63 20.60 6.37
C ALA A 29 7.24 19.29 5.70
N THR A 30 7.25 19.26 4.37
CA THR A 30 6.80 18.11 3.54
C THR A 30 7.98 17.25 3.08
N LEU A 31 9.18 17.40 3.66
CA LEU A 31 10.37 16.57 3.31
C LEU A 31 10.15 15.12 3.74
N ALA A 32 9.57 14.88 4.91
CA ALA A 32 9.41 13.51 5.47
C ALA A 32 8.15 12.84 4.92
N ILE A 33 7.08 13.60 4.63
CA ILE A 33 5.74 13.04 4.30
C ILE A 33 5.00 13.97 3.32
N SER A 34 4.14 13.37 2.50
CA SER A 34 3.30 14.09 1.50
C SER A 34 2.34 15.04 2.23
N LYS A 35 2.19 16.23 1.68
CA LYS A 35 1.20 17.25 2.08
C LYS A 35 -0.12 16.62 2.54
N GLN A 36 -0.69 15.71 1.74
CA GLN A 36 -2.08 15.22 1.90
C GLN A 36 -2.15 14.17 3.04
N LEU A 37 -1.02 13.85 3.68
CA LEU A 37 -0.99 13.05 4.92
C LEU A 37 -0.77 13.94 6.15
N LEU A 38 -0.47 15.23 5.97
CA LEU A 38 -0.37 16.18 7.11
C LEU A 38 -1.77 16.33 7.71
N PRO A 39 -1.92 16.43 9.04
CA PRO A 39 -3.23 16.64 9.63
C PRO A 39 -3.78 18.06 9.40
N VAL A 40 -5.08 18.16 9.21
CA VAL A 40 -5.86 19.43 9.38
C VAL A 40 -6.64 19.24 10.67
N TYR A 41 -6.18 19.89 11.74
CA TYR A 41 -6.60 19.67 13.14
C TYR A 41 -6.38 18.21 13.52
N ASP A 42 -7.40 17.36 13.47
CA ASP A 42 -7.44 16.04 14.17
C ASP A 42 -7.37 14.87 13.18
N LYS A 43 -7.34 15.13 11.86
CA LYS A 43 -7.42 14.04 10.87
C LYS A 43 -6.55 14.36 9.66
N PRO A 44 -6.01 13.32 8.98
CA PRO A 44 -5.18 13.52 7.79
C PRO A 44 -5.93 14.34 6.74
N MET A 45 -5.21 15.23 6.05
CA MET A 45 -5.77 16.13 5.02
C MET A 45 -6.67 15.33 4.06
N ILE A 46 -6.24 14.13 3.65
CA ILE A 46 -6.93 13.37 2.58
C ILE A 46 -8.34 12.96 3.02
N TYR A 47 -8.61 12.88 4.34
CA TYR A 47 -9.95 12.57 4.89
C TYR A 47 -11.00 13.56 4.35
N TYR A 48 -10.60 14.81 4.09
CA TYR A 48 -11.53 15.90 3.70
C TYR A 48 -12.01 15.68 2.25
N PRO A 49 -11.13 15.59 1.23
CA PRO A 49 -11.58 15.28 -0.13
C PRO A 49 -12.22 13.88 -0.26
N LEU A 50 -11.71 12.88 0.46
CA LEU A 50 -12.33 11.54 0.49
C LEU A 50 -13.80 11.70 0.95
N SER A 51 -14.03 12.45 2.03
CA SER A 51 -15.37 12.68 2.62
C SER A 51 -16.25 13.39 1.61
N THR A 52 -15.67 14.29 0.81
CA THR A 52 -16.36 15.04 -0.28
C THR A 52 -16.89 14.05 -1.31
N LEU A 53 -16.04 13.15 -1.80
CA LEU A 53 -16.45 12.12 -2.81
C LEU A 53 -17.55 11.26 -2.21
N MET A 54 -17.40 10.87 -0.94
CA MET A 54 -18.39 10.02 -0.22
C MET A 54 -19.74 10.75 -0.15
N LEU A 55 -19.73 12.06 0.10
CA LEU A 55 -20.98 12.86 0.21
C LEU A 55 -21.65 12.95 -1.18
N ALA A 56 -20.86 12.91 -2.26
CA ALA A 56 -21.36 12.89 -3.65
C ALA A 56 -21.88 11.49 -4.01
N GLY A 57 -21.80 10.52 -3.10
CA GLY A 57 -22.32 9.15 -3.24
C GLY A 57 -21.35 8.22 -3.94
N ILE A 58 -20.07 8.60 -4.05
CA ILE A 58 -19.03 7.84 -4.80
C ILE A 58 -18.33 6.89 -3.83
N ARG A 59 -18.29 5.60 -4.17
CA ARG A 59 -17.74 4.51 -3.32
C ARG A 59 -16.49 3.87 -3.94
N GLU A 60 -16.31 4.00 -5.25
CA GLU A 60 -15.15 3.45 -6.00
C GLU A 60 -14.19 4.59 -6.31
N ILE A 61 -13.03 4.59 -5.66
CA ILE A 61 -12.12 5.77 -5.63
C ILE A 61 -10.68 5.32 -5.88
N LEU A 62 -10.04 5.96 -6.87
CA LEU A 62 -8.58 5.80 -7.15
C LEU A 62 -7.83 6.91 -6.42
N ILE A 63 -6.85 6.54 -5.60
CA ILE A 63 -5.90 7.48 -4.96
C ILE A 63 -4.59 7.46 -5.76
N ILE A 64 -4.25 8.59 -6.36
CA ILE A 64 -2.97 8.82 -7.09
C ILE A 64 -2.02 9.57 -6.16
N SER A 65 -0.83 9.00 -5.90
CA SER A 65 0.23 9.59 -5.05
C SER A 65 1.61 9.26 -5.63
N THR A 66 2.66 9.76 -5.00
CA THR A 66 4.06 9.46 -5.39
C THR A 66 4.33 7.99 -5.13
N PRO A 67 5.30 7.38 -5.85
CA PRO A 67 5.73 6.01 -5.58
C PRO A 67 6.11 5.84 -4.10
N GLN A 68 6.77 6.85 -3.54
CA GLN A 68 7.31 6.86 -2.16
C GLN A 68 6.16 6.79 -1.16
N ASP A 69 5.05 7.51 -1.38
CA ASP A 69 4.04 7.74 -0.32
C ASP A 69 2.83 6.80 -0.49
N THR A 70 2.70 6.10 -1.63
CA THR A 70 1.58 5.16 -1.87
C THR A 70 1.41 4.22 -0.68
N PRO A 71 2.48 3.54 -0.18
CA PRO A 71 2.34 2.65 0.97
C PRO A 71 1.77 3.32 2.24
N ARG A 72 2.07 4.60 2.46
CA ARG A 72 1.58 5.38 3.62
C ARG A 72 0.08 5.64 3.47
N PHE A 73 -0.38 6.02 2.28
CA PHE A 73 -1.82 6.17 1.95
C PHE A 73 -2.54 4.82 2.13
N GLN A 74 -1.90 3.73 1.68
CA GLN A 74 -2.46 2.35 1.76
C GLN A 74 -2.56 1.92 3.23
N GLN A 75 -1.58 2.26 4.04
CA GLN A 75 -1.55 1.93 5.50
C GLN A 75 -2.67 2.71 6.20
N LEU A 76 -2.89 3.97 5.80
CA LEU A 76 -3.95 4.82 6.39
C LEU A 76 -5.34 4.29 6.01
N LEU A 77 -5.59 4.05 4.72
CA LEU A 77 -6.95 3.91 4.14
C LEU A 77 -7.30 2.45 3.78
N GLY A 78 -6.30 1.59 3.59
CA GLY A 78 -6.51 0.19 3.15
C GLY A 78 -7.24 0.13 1.82
N ASP A 79 -8.09 -0.86 1.64
CA ASP A 79 -8.88 -1.09 0.39
C ASP A 79 -10.25 -0.41 0.53
N GLY A 80 -10.53 0.21 1.68
CA GLY A 80 -11.75 1.00 1.91
C GLY A 80 -12.90 0.16 2.42
N SER A 81 -12.76 -1.17 2.41
CA SER A 81 -13.84 -2.14 2.75
C SER A 81 -14.37 -1.88 4.17
N ASN A 82 -13.52 -1.39 5.07
CA ASN A 82 -13.91 -1.06 6.47
C ASN A 82 -14.91 0.10 6.49
N TRP A 83 -14.94 0.94 5.44
CA TRP A 83 -15.83 2.12 5.34
C TRP A 83 -16.86 1.94 4.22
N GLY A 84 -17.02 0.70 3.71
CA GLY A 84 -17.97 0.41 2.63
C GLY A 84 -17.54 1.02 1.30
N LEU A 85 -16.24 1.25 1.12
CA LEU A 85 -15.65 1.80 -0.12
C LEU A 85 -14.84 0.70 -0.83
N ASP A 86 -14.52 0.94 -2.09
CA ASP A 86 -13.48 0.21 -2.84
C ASP A 86 -12.39 1.21 -3.23
N LEU A 87 -11.27 1.20 -2.50
CA LEU A 87 -10.12 2.09 -2.76
C LEU A 87 -9.07 1.33 -3.58
N GLN A 88 -8.65 1.90 -4.71
CA GLN A 88 -7.49 1.44 -5.50
C GLN A 88 -6.42 2.54 -5.50
N TYR A 89 -5.19 2.18 -5.85
CA TYR A 89 -4.00 3.06 -5.78
C TYR A 89 -3.26 3.03 -7.11
N ALA A 90 -2.77 4.20 -7.52
CA ALA A 90 -1.91 4.40 -8.70
C ALA A 90 -0.86 5.43 -8.34
N VAL A 91 0.28 5.38 -9.03
CA VAL A 91 1.46 6.25 -8.71
C VAL A 91 1.59 7.30 -9.82
N GLN A 92 1.99 8.50 -9.43
CA GLN A 92 2.43 9.56 -10.38
C GLN A 92 3.95 9.66 -10.23
N PRO A 93 4.73 9.01 -11.13
CA PRO A 93 6.19 9.10 -11.07
C PRO A 93 6.71 10.55 -11.01
N SER A 94 6.10 11.45 -11.79
CA SER A 94 6.49 12.87 -11.94
C SER A 94 5.25 13.75 -12.02
N PRO A 95 5.19 14.88 -11.29
CA PRO A 95 4.03 15.76 -11.30
C PRO A 95 3.94 16.56 -12.60
N ASP A 96 3.37 15.95 -13.65
CA ASP A 96 3.29 16.52 -15.03
C ASP A 96 1.89 17.10 -15.30
N GLY A 97 1.25 17.68 -14.29
CA GLY A 97 -0.06 18.36 -14.42
C GLY A 97 -1.19 17.52 -13.84
N LEU A 98 -2.31 18.17 -13.50
CA LEU A 98 -3.49 17.53 -12.85
C LEU A 98 -4.21 16.63 -13.87
N ALA A 99 -4.18 17.00 -15.15
CA ALA A 99 -4.89 16.29 -16.25
C ALA A 99 -4.31 14.89 -16.47
N GLN A 100 -3.05 14.67 -16.06
CA GLN A 100 -2.37 13.36 -16.12
C GLN A 100 -3.17 12.32 -15.33
N ALA A 101 -3.98 12.75 -14.36
CA ALA A 101 -4.83 11.88 -13.52
C ALA A 101 -5.69 10.96 -14.39
N PHE A 102 -6.11 11.44 -15.57
CA PHE A 102 -7.06 10.74 -16.48
C PHE A 102 -6.32 9.69 -17.32
N LEU A 103 -5.03 9.86 -17.56
CA LEU A 103 -4.17 8.87 -18.26
C LEU A 103 -3.78 7.76 -17.29
N ILE A 104 -3.24 8.14 -16.12
CA ILE A 104 -2.92 7.19 -15.00
C ILE A 104 -4.20 6.43 -14.65
N GLY A 105 -5.33 7.13 -14.57
CA GLY A 105 -6.63 6.56 -14.12
C GLY A 105 -7.44 5.92 -15.24
N GLU A 106 -6.91 5.90 -16.46
CA GLU A 106 -7.65 5.49 -17.69
C GLU A 106 -8.35 4.14 -17.50
N SER A 107 -7.60 3.11 -17.10
CA SER A 107 -8.11 1.72 -16.94
C SER A 107 -9.09 1.66 -15.77
N PHE A 108 -8.83 2.39 -14.68
CA PHE A 108 -9.72 2.49 -13.49
C PHE A 108 -11.08 3.08 -13.90
N ILE A 109 -11.05 4.15 -14.70
CA ILE A 109 -12.27 4.88 -15.15
C ILE A 109 -13.08 3.96 -16.08
N GLY A 110 -12.42 3.30 -17.04
CA GLY A 110 -13.09 2.50 -18.09
C GLY A 110 -14.09 3.34 -18.86
N ASN A 111 -15.34 2.91 -18.90
CA ASN A 111 -16.44 3.54 -19.68
C ASN A 111 -17.38 4.33 -18.76
N ASP A 112 -16.96 4.60 -17.52
CA ASP A 112 -17.83 5.19 -16.47
C ASP A 112 -17.66 6.72 -16.43
N LEU A 113 -18.60 7.39 -15.77
CA LEU A 113 -18.50 8.81 -15.35
C LEU A 113 -17.46 8.90 -14.24
N SER A 114 -16.85 10.07 -14.04
CA SER A 114 -15.77 10.29 -13.06
C SER A 114 -15.97 11.62 -12.31
N ALA A 115 -15.35 11.72 -11.14
CA ALA A 115 -15.15 12.96 -10.37
C ALA A 115 -13.69 13.00 -9.92
N LEU A 116 -12.99 14.09 -10.23
CA LEU A 116 -11.63 14.38 -9.73
C LEU A 116 -11.72 15.40 -8.60
N VAL A 117 -11.10 15.10 -7.47
CA VAL A 117 -10.92 16.06 -6.34
C VAL A 117 -9.43 16.15 -6.02
N LEU A 118 -8.95 17.35 -5.73
CA LEU A 118 -7.55 17.55 -5.28
C LEU A 118 -7.47 17.10 -3.81
N GLY A 119 -6.37 16.44 -3.45
CA GLY A 119 -6.17 15.82 -2.12
C GLY A 119 -5.97 16.85 -1.02
N ASP A 120 -5.83 18.13 -1.37
CA ASP A 120 -5.51 19.22 -0.42
C ASP A 120 -6.64 20.26 -0.41
N ASN A 121 -7.82 19.92 -0.92
CA ASN A 121 -9.00 20.83 -0.96
C ASN A 121 -9.97 20.45 0.16
N LEU A 122 -10.38 21.44 0.95
CA LEU A 122 -11.35 21.30 2.07
C LEU A 122 -12.61 22.12 1.75
N TYR A 123 -13.77 21.50 1.89
CA TYR A 123 -15.10 22.14 1.65
C TYR A 123 -15.95 21.98 2.91
N TYR A 124 -16.78 22.98 3.18
CA TYR A 124 -17.76 22.95 4.30
C TYR A 124 -18.97 23.83 3.94
N GLY A 125 -20.18 23.38 4.28
CA GLY A 125 -21.36 24.25 4.27
C GLY A 125 -22.66 23.51 4.16
N HIS A 126 -23.75 24.26 4.29
CA HIS A 126 -25.13 23.76 4.26
C HIS A 126 -25.53 23.46 2.81
N ASP A 127 -26.19 22.31 2.59
CA ASP A 127 -26.65 21.83 1.26
C ASP A 127 -25.45 21.59 0.34
N PHE A 128 -24.26 21.30 0.87
CA PHE A 128 -23.09 20.87 0.06
C PHE A 128 -23.45 19.59 -0.68
N HIS A 129 -24.18 18.67 -0.04
CA HIS A 129 -24.67 17.40 -0.64
C HIS A 129 -25.52 17.70 -1.88
N GLU A 130 -26.32 18.77 -1.87
CA GLU A 130 -27.20 19.18 -3.00
C GLU A 130 -26.35 19.77 -4.13
N LEU A 131 -25.34 20.57 -3.78
CA LEU A 131 -24.39 21.17 -4.76
C LEU A 131 -23.64 20.03 -5.47
N LEU A 132 -23.21 19.01 -4.74
CA LEU A 132 -22.54 17.79 -5.31
C LEU A 132 -23.55 17.00 -6.14
N GLY A 133 -24.77 16.81 -5.61
CA GLY A 133 -25.88 16.08 -6.24
C GLY A 133 -26.21 16.59 -7.64
N SER A 134 -26.28 17.91 -7.80
CA SER A 134 -26.64 18.58 -9.08
C SER A 134 -25.56 18.29 -10.14
N ALA A 135 -24.28 18.36 -9.77
CA ALA A 135 -23.14 18.05 -10.67
C ALA A 135 -23.13 16.55 -11.02
N SER A 136 -23.40 15.68 -10.05
CA SER A 136 -23.29 14.20 -10.19
C SER A 136 -24.42 13.65 -11.08
N GLN A 137 -25.58 14.32 -11.08
CA GLN A 137 -26.79 13.93 -11.85
C GLN A 137 -26.67 14.34 -13.32
N ARG A 138 -25.92 15.39 -13.65
CA ARG A 138 -25.59 15.76 -15.06
C ARG A 138 -24.67 14.69 -15.64
N GLN A 139 -25.22 13.76 -16.44
CA GLN A 139 -24.52 12.53 -16.90
C GLN A 139 -23.87 12.75 -18.27
N THR A 140 -23.96 13.97 -18.82
CA THR A 140 -23.20 14.38 -20.03
C THR A 140 -22.49 15.70 -19.75
N GLY A 141 -21.36 15.93 -20.41
CA GLY A 141 -20.53 17.12 -20.23
C GLY A 141 -19.78 17.11 -18.91
N ALA A 142 -19.29 18.27 -18.50
CA ALA A 142 -18.47 18.49 -17.29
C ALA A 142 -19.15 19.53 -16.40
N SER A 143 -19.01 19.35 -15.08
CA SER A 143 -19.48 20.31 -14.04
C SER A 143 -18.30 20.71 -13.16
N VAL A 144 -18.10 22.02 -12.98
CA VAL A 144 -17.10 22.61 -12.06
C VAL A 144 -17.81 23.66 -11.21
N PHE A 145 -17.12 24.16 -10.16
CA PHE A 145 -17.65 25.14 -9.20
C PHE A 145 -16.74 26.36 -9.17
N ALA A 146 -17.37 27.54 -9.17
CA ALA A 146 -16.72 28.86 -9.13
C ALA A 146 -16.98 29.47 -7.75
N TYR A 147 -15.92 29.93 -7.10
CA TYR A 147 -15.89 30.45 -5.72
C TYR A 147 -15.13 31.79 -5.72
N HIS A 148 -15.77 32.82 -5.17
CA HIS A 148 -15.15 34.15 -5.03
C HIS A 148 -13.97 34.04 -4.06
N VAL A 149 -12.78 34.43 -4.51
CA VAL A 149 -11.52 34.43 -3.69
C VAL A 149 -10.87 35.82 -3.81
N LEU A 150 -9.98 36.12 -2.86
CA LEU A 150 -9.18 37.37 -2.82
C LEU A 150 -8.12 37.35 -3.92
N ASP A 151 -7.58 36.17 -4.24
CA ASP A 151 -6.34 36.01 -5.04
C ASP A 151 -6.63 35.09 -6.21
N PRO A 152 -7.56 35.47 -7.12
CA PRO A 152 -7.95 34.61 -8.23
C PRO A 152 -6.78 34.24 -9.16
N GLU A 153 -5.73 35.08 -9.21
CA GLU A 153 -4.53 34.90 -10.07
C GLU A 153 -3.79 33.59 -9.72
N ARG A 154 -4.08 32.98 -8.57
CA ARG A 154 -3.45 31.69 -8.15
C ARG A 154 -4.17 30.51 -8.81
N TYR A 155 -5.33 30.72 -9.45
CA TYR A 155 -6.25 29.63 -9.84
C TYR A 155 -6.64 29.73 -11.32
N GLY A 156 -7.41 28.74 -11.78
CA GLY A 156 -8.27 28.85 -12.96
C GLY A 156 -9.38 29.86 -12.69
N VAL A 157 -9.52 30.88 -13.54
CA VAL A 157 -10.50 31.98 -13.35
C VAL A 157 -11.59 31.87 -14.43
N VAL A 158 -12.87 31.93 -14.01
CA VAL A 158 -14.06 31.94 -14.89
C VAL A 158 -14.48 33.39 -15.10
N GLU A 159 -14.69 33.78 -16.36
CA GLU A 159 -15.32 35.06 -16.77
C GLU A 159 -16.78 34.78 -17.14
N PHE A 160 -17.70 35.62 -16.65
CA PHE A 160 -19.16 35.51 -16.95
C PHE A 160 -19.57 36.72 -17.78
N ASP A 161 -20.57 36.54 -18.66
CA ASP A 161 -21.22 37.65 -19.41
C ASP A 161 -22.29 38.27 -18.50
N GLN A 162 -22.88 39.40 -18.94
CA GLN A 162 -23.91 40.16 -18.17
C GLN A 162 -25.04 39.23 -17.72
N GLY A 163 -25.30 38.15 -18.46
CA GLY A 163 -26.37 37.17 -18.17
C GLY A 163 -25.94 36.06 -17.22
N GLY A 164 -24.68 36.06 -16.76
CA GLY A 164 -24.16 35.07 -15.80
C GLY A 164 -23.79 33.74 -16.46
N LYS A 165 -23.59 33.75 -17.78
CA LYS A 165 -23.10 32.57 -18.56
C LYS A 165 -21.57 32.61 -18.57
N ALA A 166 -20.92 31.46 -18.37
CA ALA A 166 -19.45 31.31 -18.41
C ALA A 166 -18.99 31.40 -19.87
N ILE A 167 -18.04 32.31 -20.17
CA ILE A 167 -17.61 32.59 -21.56
C ILE A 167 -16.10 32.39 -21.74
N SER A 168 -15.29 32.37 -20.68
CA SER A 168 -13.83 32.10 -20.78
C SER A 168 -13.29 31.48 -19.48
N LEU A 169 -12.22 30.69 -19.62
CA LEU A 169 -11.39 30.13 -18.52
C LEU A 169 -9.94 30.52 -18.78
N GLU A 170 -9.25 31.07 -17.79
CA GLU A 170 -7.80 31.38 -17.86
C GLU A 170 -7.11 30.71 -16.66
N GLU A 171 -5.97 30.06 -16.90
CA GLU A 171 -5.13 29.45 -15.84
C GLU A 171 -4.18 30.51 -15.29
N LYS A 172 -4.32 30.84 -14.00
CA LYS A 172 -3.44 31.78 -13.26
C LYS A 172 -3.18 33.04 -14.08
N PRO A 173 -4.24 33.79 -14.51
CA PRO A 173 -4.03 35.01 -15.28
C PRO A 173 -3.45 36.12 -14.39
N LEU A 174 -2.47 36.88 -14.90
CA LEU A 174 -1.85 38.02 -14.16
C LEU A 174 -2.90 39.11 -13.95
N GLU A 175 -3.93 39.18 -14.80
CA GLU A 175 -5.03 40.18 -14.70
C GLU A 175 -6.36 39.44 -14.80
N PRO A 176 -6.83 38.82 -13.68
CA PRO A 176 -8.05 38.03 -13.69
C PRO A 176 -9.24 38.84 -14.20
N LYS A 177 -10.11 38.22 -14.99
CA LYS A 177 -11.36 38.82 -15.53
C LYS A 177 -12.42 38.90 -14.42
N SER A 178 -12.32 38.05 -13.40
CA SER A 178 -13.24 38.03 -12.22
C SER A 178 -12.48 37.57 -10.99
N ASN A 179 -13.17 37.50 -9.85
CA ASN A 179 -12.62 36.98 -8.57
C ASN A 179 -13.11 35.54 -8.37
N TYR A 180 -13.63 34.90 -9.43
CA TYR A 180 -14.24 33.56 -9.38
C TYR A 180 -13.21 32.52 -9.84
N ALA A 181 -12.69 31.76 -8.87
CA ALA A 181 -11.72 30.67 -9.06
C ALA A 181 -12.48 29.35 -9.21
N VAL A 182 -11.96 28.45 -10.05
CA VAL A 182 -12.48 27.06 -10.20
C VAL A 182 -11.92 26.25 -9.02
N THR A 183 -12.80 25.64 -8.22
CA THR A 183 -12.39 24.82 -7.04
C THR A 183 -11.78 23.52 -7.57
N GLY A 184 -11.07 22.77 -6.72
CA GLY A 184 -10.41 21.50 -7.07
C GLY A 184 -11.36 20.33 -6.96
N LEU A 185 -12.54 20.47 -7.57
CA LEU A 185 -13.60 19.44 -7.61
C LEU A 185 -14.24 19.49 -9.01
N TYR A 186 -14.08 18.41 -9.78
CA TYR A 186 -14.44 18.36 -11.23
C TYR A 186 -15.24 17.09 -11.51
N PHE A 187 -16.42 17.24 -12.13
CA PHE A 187 -17.28 16.11 -12.58
C PHE A 187 -17.17 16.00 -14.11
N TYR A 188 -16.98 14.78 -14.62
CA TYR A 188 -16.71 14.50 -16.05
C TYR A 188 -17.55 13.32 -16.54
N ASP A 189 -17.92 13.37 -17.82
CA ASP A 189 -18.56 12.26 -18.57
C ASP A 189 -17.45 11.36 -19.14
N GLN A 190 -17.78 10.50 -20.10
CA GLN A 190 -16.86 9.49 -20.68
C GLN A 190 -15.92 10.13 -21.72
N GLN A 191 -16.05 11.42 -22.00
CA GLN A 191 -15.20 12.12 -23.01
C GLN A 191 -13.83 12.50 -22.42
N VAL A 192 -13.70 12.53 -21.10
CA VAL A 192 -12.56 13.24 -20.42
C VAL A 192 -11.24 12.57 -20.77
N VAL A 193 -11.16 11.23 -20.76
CA VAL A 193 -9.88 10.49 -21.00
C VAL A 193 -9.35 10.86 -22.38
N ASP A 194 -10.21 10.82 -23.41
CA ASP A 194 -9.87 11.16 -24.81
C ASP A 194 -9.43 12.62 -24.92
N ILE A 195 -10.18 13.55 -24.29
CA ILE A 195 -9.83 15.00 -24.26
C ILE A 195 -8.42 15.14 -23.67
N ALA A 196 -8.12 14.41 -22.60
CA ALA A 196 -6.83 14.45 -21.85
C ALA A 196 -5.69 13.92 -22.74
N ARG A 197 -5.93 12.83 -23.48
CA ARG A 197 -4.91 12.19 -24.35
C ARG A 197 -4.47 13.14 -25.47
N ASP A 198 -5.34 14.05 -25.91
CA ASP A 198 -5.08 15.00 -27.03
C ASP A 198 -4.38 16.28 -26.55
N LEU A 199 -4.20 16.48 -25.23
CA LEU A 199 -3.55 17.70 -24.67
C LEU A 199 -2.05 17.68 -24.95
N LYS A 200 -1.47 18.84 -25.27
CA LYS A 200 0.00 19.08 -25.33
C LYS A 200 0.42 19.84 -24.07
N PRO A 201 1.56 19.49 -23.43
CA PRO A 201 2.08 20.27 -22.30
C PRO A 201 2.12 21.78 -22.55
N SER A 202 1.81 22.58 -21.52
CA SER A 202 1.84 24.06 -21.56
C SER A 202 3.30 24.56 -21.67
N GLU A 206 3.29 20.93 -18.31
CA GLU A 206 2.24 20.27 -17.50
C GLU A 206 0.96 20.12 -18.34
N LEU A 207 0.27 18.99 -18.19
CA LEU A 207 -1.10 18.75 -18.73
C LEU A 207 -2.11 19.47 -17.81
N GLU A 208 -2.66 20.58 -18.28
CA GLU A 208 -3.48 21.55 -17.50
C GLU A 208 -4.93 21.07 -17.41
N ILE A 209 -5.50 21.02 -16.21
CA ILE A 209 -6.94 20.71 -16.00
C ILE A 209 -7.78 21.81 -16.66
N THR A 210 -7.31 23.07 -16.65
CA THR A 210 -8.01 24.22 -17.26
C THR A 210 -8.18 23.99 -18.77
N ASP A 211 -7.22 23.31 -19.42
CA ASP A 211 -7.30 22.96 -20.86
C ASP A 211 -8.42 21.93 -21.06
N VAL A 212 -8.50 20.93 -20.18
CA VAL A 212 -9.61 19.92 -20.18
C VAL A 212 -10.94 20.67 -20.05
N ASN A 213 -11.04 21.63 -19.13
CA ASN A 213 -12.32 22.33 -18.82
C ASN A 213 -12.65 23.26 -19.99
N ARG A 214 -11.66 23.89 -20.61
CA ARG A 214 -11.87 24.79 -21.78
C ARG A 214 -12.38 23.97 -22.98
N ALA A 215 -11.88 22.74 -23.15
CA ALA A 215 -12.34 21.80 -24.20
C ALA A 215 -13.85 21.59 -24.07
N TYR A 216 -14.35 21.33 -22.85
CA TYR A 216 -15.80 21.14 -22.59
C TYR A 216 -16.57 22.45 -22.83
N LEU A 217 -15.99 23.59 -22.45
CA LEU A 217 -16.61 24.93 -22.61
C LEU A 217 -16.82 25.21 -24.10
N GLU A 218 -15.79 25.00 -24.92
CA GLU A 218 -15.81 25.22 -26.40
C GLU A 218 -16.86 24.31 -27.07
N ARG A 219 -17.10 23.10 -26.54
CA ARG A 219 -18.18 22.19 -27.01
C ARG A 219 -19.53 22.61 -26.40
N GLY A 220 -19.57 23.69 -25.62
CA GLY A 220 -20.76 24.12 -24.86
C GLY A 220 -21.27 23.05 -23.91
N GLN A 221 -20.37 22.28 -23.29
CA GLN A 221 -20.72 21.15 -22.38
C GLN A 221 -20.10 21.35 -20.99
N LEU A 222 -19.72 22.58 -20.62
CA LEU A 222 -19.20 22.90 -19.26
C LEU A 222 -20.30 23.62 -18.46
N SER A 223 -20.81 22.95 -17.42
CA SER A 223 -21.64 23.55 -16.35
C SER A 223 -20.71 24.20 -15.30
N VAL A 224 -20.87 25.51 -15.07
CA VAL A 224 -20.17 26.28 -14.00
C VAL A 224 -21.21 26.71 -12.97
N GLU A 225 -21.33 25.99 -11.85
CA GLU A 225 -22.21 26.39 -10.73
C GLU A 225 -21.44 27.28 -9.76
N ILE A 226 -22.08 28.32 -9.25
CA ILE A 226 -21.52 29.19 -8.16
C ILE A 226 -21.55 28.39 -6.85
N MET A 227 -20.39 28.27 -6.21
CA MET A 227 -20.27 27.89 -4.78
C MET A 227 -20.31 29.19 -3.99
N GLY A 228 -21.43 29.44 -3.32
CA GLY A 228 -21.74 30.71 -2.64
C GLY A 228 -20.76 31.02 -1.52
N ARG A 229 -20.76 32.29 -1.09
CA ARG A 229 -19.92 32.83 0.01
C ARG A 229 -20.29 32.16 1.34
N GLY A 230 -21.46 31.51 1.44
CA GLY A 230 -21.91 30.75 2.62
C GLY A 230 -21.23 29.40 2.74
N TYR A 231 -20.47 28.99 1.71
CA TYR A 231 -19.57 27.81 1.75
C TYR A 231 -18.15 28.26 2.09
N ALA A 232 -17.43 27.44 2.84
CA ALA A 232 -15.97 27.57 3.06
C ALA A 232 -15.28 26.62 2.09
N TRP A 233 -14.51 27.17 1.15
CA TRP A 233 -13.52 26.42 0.35
C TRP A 233 -12.15 26.86 0.85
N LEU A 234 -11.43 25.98 1.54
CA LEU A 234 -10.24 26.39 2.33
C LEU A 234 -8.96 26.11 1.54
N ASP A 235 -8.00 26.97 1.83
CA ASP A 235 -6.66 27.07 1.20
C ASP A 235 -5.69 26.25 2.06
N THR A 236 -5.02 25.24 1.49
CA THR A 236 -3.88 24.54 2.13
C THR A 236 -2.62 24.74 1.29
N GLY A 237 -2.49 25.87 0.57
CA GLY A 237 -1.38 26.12 -0.37
C GLY A 237 -0.10 26.58 0.33
N THR A 238 -0.23 27.22 1.50
CA THR A 238 0.88 27.80 2.29
C THR A 238 0.84 27.26 3.73
N HIS A 239 1.95 27.40 4.45
CA HIS A 239 2.05 27.08 5.90
C HIS A 239 1.02 27.91 6.67
N ASP A 240 0.87 29.19 6.33
CA ASP A 240 -0.10 30.12 6.97
C ASP A 240 -1.53 29.60 6.75
N SER A 241 -1.92 29.26 5.52
CA SER A 241 -3.31 28.86 5.18
C SER A 241 -3.60 27.45 5.75
N LEU A 242 -2.61 26.58 5.81
CA LEU A 242 -2.74 25.21 6.41
C LEU A 242 -3.13 25.35 7.89
N LEU A 243 -2.47 26.27 8.59
CA LEU A 243 -2.69 26.58 10.02
C LEU A 243 -4.11 27.15 10.21
N GLU A 244 -4.52 28.10 9.36
CA GLU A 244 -5.89 28.69 9.38
C GLU A 244 -6.93 27.59 9.17
N ALA A 245 -6.69 26.65 8.25
CA ALA A 245 -7.61 25.53 7.96
C ALA A 245 -7.78 24.68 9.23
N GLY A 246 -6.67 24.38 9.92
CA GLY A 246 -6.68 23.68 11.22
C GLY A 246 -7.56 24.41 12.25
N GLN A 247 -7.36 25.71 12.40
CA GLN A 247 -8.08 26.55 13.40
C GLN A 247 -9.56 26.59 13.03
N PHE A 248 -9.87 26.64 11.73
CA PHE A 248 -11.25 26.72 11.19
C PHE A 248 -12.03 25.46 11.56
N ILE A 249 -11.46 24.28 11.30
CA ILE A 249 -12.11 22.97 11.63
C ILE A 249 -12.23 22.83 13.15
N ALA A 250 -11.18 23.16 13.90
CA ALA A 250 -11.15 23.07 15.38
C ALA A 250 -12.30 23.89 15.98
N THR A 251 -12.50 25.12 15.49
CA THR A 251 -13.56 26.04 15.96
C THR A 251 -14.95 25.41 15.73
N LEU A 252 -15.21 24.90 14.53
CA LEU A 252 -16.50 24.26 14.18
C LEU A 252 -16.72 23.02 15.05
N GLU A 253 -15.72 22.14 15.15
CA GLU A 253 -15.86 20.83 15.84
C GLU A 253 -16.04 21.02 17.36
N ASN A 254 -15.28 21.93 17.96
CA ASN A 254 -15.33 22.18 19.43
C ASN A 254 -16.62 22.96 19.78
N ARG A 255 -17.16 23.74 18.84
CA ARG A 255 -18.47 24.42 19.01
C ARG A 255 -19.59 23.38 18.98
N GLN A 256 -19.56 22.50 17.99
CA GLN A 256 -20.72 21.63 17.63
C GLN A 256 -20.72 20.33 18.44
N GLY A 257 -19.55 19.81 18.82
CA GLY A 257 -19.40 18.41 19.23
C GLY A 257 -19.74 17.48 18.07
N LEU A 258 -19.56 17.97 16.84
CA LEU A 258 -19.74 17.20 15.58
C LEU A 258 -18.47 17.39 14.77
N LYS A 259 -18.08 16.36 14.01
CA LYS A 259 -16.85 16.39 13.19
C LYS A 259 -17.21 16.81 11.77
N VAL A 260 -16.26 17.48 11.12
CA VAL A 260 -16.28 17.74 9.66
C VAL A 260 -15.43 16.66 8.99
N ALA A 261 -15.99 15.95 8.01
CA ALA A 261 -15.26 15.00 7.12
C ALA A 261 -14.67 13.85 7.94
N CYS A 262 -15.46 13.30 8.87
CA CYS A 262 -15.24 11.99 9.52
C CYS A 262 -15.76 10.90 8.59
N PRO A 263 -14.88 10.17 7.86
CA PRO A 263 -15.33 9.19 6.87
C PRO A 263 -16.20 8.07 7.47
N GLU A 264 -15.89 7.60 8.67
CA GLU A 264 -16.65 6.55 9.37
C GLU A 264 -18.10 7.02 9.54
N GLU A 265 -18.29 8.25 9.99
CA GLU A 265 -19.61 8.87 10.20
C GLU A 265 -20.37 8.94 8.87
N ILE A 266 -19.73 9.44 7.81
CA ILE A 266 -20.39 9.64 6.50
C ILE A 266 -20.81 8.26 5.96
N ALA A 267 -19.95 7.24 6.06
CA ALA A 267 -20.26 5.87 5.60
C ALA A 267 -21.47 5.33 6.36
N TYR A 268 -21.51 5.53 7.68
CA TYR A 268 -22.60 5.07 8.58
C TYR A 268 -23.92 5.76 8.18
N ARG A 269 -23.88 7.08 7.96
CA ARG A 269 -25.09 7.89 7.63
C ARG A 269 -25.56 7.58 6.20
N GLN A 270 -24.66 7.19 5.30
CA GLN A 270 -25.02 6.77 3.92
C GLN A 270 -25.51 5.31 3.96
N LYS A 271 -25.38 4.63 5.10
CA LYS A 271 -25.78 3.21 5.34
C LYS A 271 -24.88 2.29 4.50
N TRP A 272 -23.63 2.71 4.28
CA TRP A 272 -22.58 1.91 3.59
C TRP A 272 -21.93 0.95 4.59
N ILE A 273 -22.03 1.27 5.88
CA ILE A 273 -21.68 0.37 7.02
C ILE A 273 -22.81 0.47 8.05
N ASP A 274 -22.97 -0.55 8.88
CA ASP A 274 -24.07 -0.61 9.89
C ASP A 274 -23.48 -0.32 11.28
N ALA A 275 -24.35 -0.32 12.30
CA ALA A 275 -23.98 -0.04 13.70
C ALA A 275 -22.85 -0.97 14.16
N ALA A 276 -22.94 -2.26 13.82
CA ALA A 276 -21.98 -3.30 14.24
C ALA A 276 -20.59 -2.98 13.66
N GLN A 277 -20.52 -2.64 12.38
CA GLN A 277 -19.24 -2.29 11.69
C GLN A 277 -18.66 -1.03 12.35
N LEU A 278 -19.48 -0.01 12.59
CA LEU A 278 -19.02 1.27 13.21
C LEU A 278 -18.45 1.00 14.60
N GLU A 279 -19.12 0.16 15.39
CA GLU A 279 -18.67 -0.21 16.75
C GLU A 279 -17.28 -0.85 16.69
N LYS A 280 -17.07 -1.75 15.73
CA LYS A 280 -15.75 -2.41 15.48
C LYS A 280 -14.69 -1.36 15.16
N LEU A 281 -15.02 -0.35 14.35
CA LEU A 281 -14.07 0.74 13.97
C LEU A 281 -13.74 1.60 15.17
N ALA A 282 -14.69 1.79 16.09
CA ALA A 282 -14.52 2.61 17.32
C ALA A 282 -13.54 1.93 18.27
N ALA A 283 -13.61 0.60 18.41
CA ALA A 283 -12.88 -0.21 19.40
C ALA A 283 -11.41 0.22 19.52
N PRO A 284 -10.59 0.14 18.44
CA PRO A 284 -9.16 0.46 18.55
C PRO A 284 -8.85 1.95 18.80
N LEU A 285 -9.84 2.84 18.73
CA LEU A 285 -9.69 4.30 18.93
C LEU A 285 -10.39 4.73 20.23
N ALA A 286 -10.92 3.77 21.00
CA ALA A 286 -11.83 3.99 22.15
C ALA A 286 -11.18 4.87 23.23
N LYS A 287 -9.85 4.92 23.29
CA LYS A 287 -9.06 5.67 24.31
C LYS A 287 -9.09 7.18 24.01
N ASN A 288 -9.18 7.58 22.74
CA ASN A 288 -9.09 9.02 22.33
C ASN A 288 -10.48 9.55 21.97
N GLY A 289 -10.58 10.86 21.70
CA GLY A 289 -11.83 11.58 21.40
C GLY A 289 -12.46 11.09 20.10
N TYR A 290 -11.66 10.64 19.14
CA TYR A 290 -12.13 10.22 17.79
C TYR A 290 -12.97 8.94 17.93
N GLY A 291 -12.42 7.93 18.62
CA GLY A 291 -13.13 6.67 18.94
C GLY A 291 -14.36 6.91 19.79
N GLN A 292 -14.26 7.79 20.79
CA GLN A 292 -15.40 8.15 21.69
C GLN A 292 -16.49 8.81 20.84
N TYR A 293 -16.10 9.64 19.85
CA TYR A 293 -17.03 10.30 18.90
C TYR A 293 -17.79 9.24 18.11
N LEU A 294 -17.09 8.24 17.56
CA LEU A 294 -17.72 7.15 16.76
C LEU A 294 -18.71 6.36 17.64
N LYS A 295 -18.36 6.12 18.91
CA LYS A 295 -19.25 5.41 19.88
C LYS A 295 -20.52 6.25 20.08
N ARG A 296 -20.39 7.54 20.36
CA ARG A 296 -21.56 8.44 20.59
C ARG A 296 -22.50 8.43 19.37
N LEU A 297 -21.98 8.27 18.14
CA LEU A 297 -22.79 8.26 16.89
C LEU A 297 -23.80 7.10 16.91
N LEU A 298 -23.51 6.00 17.62
CA LEU A 298 -24.37 4.78 17.64
C LEU A 298 -25.68 5.06 18.37
N THR A 299 -25.68 5.98 19.34
CA THR A 299 -26.81 6.22 20.29
C THR A 299 -27.52 7.56 20.04
N GLU A 300 -26.85 8.55 19.44
CA GLU A 300 -27.38 9.93 19.31
C GLU A 300 -28.14 10.11 17.99
N THR A 301 -29.29 10.80 18.03
CA THR A 301 -30.00 11.34 16.83
C THR A 301 -29.37 12.69 16.47
N VAL A 302 -28.81 12.81 15.26
CA VAL A 302 -28.26 14.09 14.71
C VAL A 302 -29.03 14.43 13.44
N TYR A 303 -29.69 15.59 13.44
CA TYR A 303 -30.51 16.11 12.30
C TYR A 303 -29.58 16.82 11.30
N ARG B 13 29.66 16.22 25.80
CA ARG B 13 28.27 15.76 26.10
C ARG B 13 27.60 15.32 24.79
N LYS B 14 27.01 14.12 24.81
CA LYS B 14 26.29 13.54 23.64
C LYS B 14 24.80 13.77 23.83
N GLY B 15 24.07 13.91 22.72
CA GLY B 15 22.62 14.19 22.73
C GLY B 15 21.82 12.98 22.32
N ILE B 16 20.64 12.81 22.92
CA ILE B 16 19.61 11.84 22.47
C ILE B 16 18.30 12.60 22.25
N ILE B 17 17.68 12.42 21.09
CA ILE B 17 16.26 12.84 20.82
C ILE B 17 15.40 11.58 20.82
N LEU B 18 14.49 11.46 21.79
CA LEU B 18 13.50 10.37 21.83
C LEU B 18 12.27 10.82 21.03
N ALA B 19 12.13 10.30 19.81
CA ALA B 19 11.01 10.56 18.88
C ALA B 19 10.25 9.27 18.61
N GLY B 20 9.81 8.57 19.66
CA GLY B 20 9.08 7.29 19.57
C GLY B 20 7.59 7.51 19.37
N GLY B 21 6.81 6.44 19.48
CA GLY B 21 5.35 6.47 19.30
C GLY B 21 4.66 7.20 20.45
N SER B 22 3.56 7.90 20.16
CA SER B 22 2.56 8.40 21.15
C SER B 22 1.36 7.43 21.21
N GLY B 23 1.64 6.14 20.98
CA GLY B 23 0.64 5.08 20.76
C GLY B 23 -0.44 5.56 19.79
N THR B 24 -1.69 5.51 20.24
CA THR B 24 -2.92 5.82 19.45
C THR B 24 -3.53 7.15 19.88
N ARG B 25 -2.85 7.91 20.74
CA ARG B 25 -3.39 9.13 21.40
C ARG B 25 -3.87 10.16 20.36
N LEU B 26 -3.09 10.38 19.30
CA LEU B 26 -3.35 11.43 18.26
C LEU B 26 -3.88 10.80 16.96
N HIS B 27 -4.30 9.53 16.99
CA HIS B 27 -4.92 8.84 15.83
C HIS B 27 -6.26 9.50 15.52
N PRO B 28 -6.68 9.60 14.24
CA PRO B 28 -5.93 9.05 13.10
C PRO B 28 -4.87 9.96 12.46
N ALA B 29 -4.66 11.17 12.98
CA ALA B 29 -3.67 12.14 12.45
C ALA B 29 -2.29 11.46 12.34
N THR B 30 -1.92 10.66 13.34
CA THR B 30 -0.58 10.02 13.46
C THR B 30 -0.60 8.56 12.97
N LEU B 31 -1.67 8.13 12.27
CA LEU B 31 -1.77 6.73 11.75
C LEU B 31 -0.72 6.49 10.66
N ALA B 32 -0.52 7.47 9.78
CA ALA B 32 0.36 7.34 8.59
C ALA B 32 1.82 7.55 8.97
N ILE B 33 2.11 8.46 9.92
CA ILE B 33 3.51 8.85 10.27
C ILE B 33 3.60 9.33 11.71
N SER B 34 4.80 9.23 12.27
CA SER B 34 5.13 9.61 13.66
C SER B 34 4.90 11.12 13.84
N LYS B 35 4.30 11.43 14.99
CA LYS B 35 4.10 12.79 15.53
C LYS B 35 5.28 13.71 15.19
N GLN B 36 6.51 13.28 15.45
CA GLN B 36 7.72 14.16 15.45
C GLN B 36 8.20 14.43 14.02
N LEU B 37 7.52 13.84 13.01
CA LEU B 37 7.73 14.22 11.59
C LEU B 37 6.62 15.17 11.10
N LEU B 38 5.55 15.36 11.87
CA LEU B 38 4.50 16.36 11.52
C LEU B 38 5.12 17.75 11.61
N PRO B 39 4.77 18.70 10.73
CA PRO B 39 5.23 20.07 10.86
C PRO B 39 4.66 20.83 12.07
N VAL B 40 5.48 21.67 12.69
CA VAL B 40 5.01 22.80 13.54
C VAL B 40 5.24 24.07 12.72
N TYR B 41 4.17 24.64 12.18
CA TYR B 41 4.18 25.72 11.16
C TYR B 41 4.93 25.23 9.92
N ASP B 42 6.20 25.59 9.77
CA ASP B 42 6.93 25.53 8.47
C ASP B 42 8.01 24.44 8.48
N LYS B 43 8.22 23.72 9.58
CA LYS B 43 9.35 22.76 9.67
C LYS B 43 8.94 21.54 10.49
N PRO B 44 9.54 20.35 10.22
CA PRO B 44 9.24 19.14 10.97
C PRO B 44 9.45 19.35 12.47
N MET B 45 8.56 18.78 13.28
CA MET B 45 8.58 18.92 14.76
C MET B 45 10.00 18.66 15.29
N ILE B 46 10.70 17.66 14.75
CA ILE B 46 12.00 17.21 15.32
C ILE B 46 13.06 18.32 15.17
N TYR B 47 12.89 19.26 14.23
CA TYR B 47 13.80 20.41 14.03
C TYR B 47 13.93 21.21 15.33
N TYR B 48 12.88 21.26 16.15
CA TYR B 48 12.82 22.10 17.39
C TYR B 48 13.71 21.51 18.48
N PRO B 49 13.52 20.25 18.92
CA PRO B 49 14.44 19.63 19.88
C PRO B 49 15.88 19.46 19.35
N LEU B 50 16.03 19.15 18.06
CA LEU B 50 17.38 19.10 17.42
C LEU B 50 18.06 20.45 17.63
N SER B 51 17.35 21.54 17.33
CA SER B 51 17.86 22.93 17.43
C SER B 51 18.23 23.24 18.89
N THR B 52 17.47 22.70 19.84
CA THR B 52 17.70 22.83 21.30
C THR B 52 19.06 22.22 21.64
N LEU B 53 19.31 20.97 21.22
CA LEU B 53 20.59 20.27 21.49
C LEU B 53 21.73 21.08 20.86
N MET B 54 21.53 21.56 19.63
CA MET B 54 22.54 22.34 18.89
C MET B 54 22.87 23.62 19.66
N LEU B 55 21.86 24.28 20.25
CA LEU B 55 22.07 25.55 21.00
C LEU B 55 22.84 25.25 22.29
N ALA B 56 22.70 24.04 22.86
CA ALA B 56 23.46 23.57 24.04
C ALA B 56 24.89 23.19 23.65
N GLY B 57 25.24 23.28 22.35
CA GLY B 57 26.59 23.04 21.82
C GLY B 57 26.84 21.57 21.52
N ILE B 58 25.78 20.74 21.45
CA ILE B 58 25.89 19.27 21.26
C ILE B 58 25.80 18.97 19.75
N ARG B 59 26.80 18.25 19.22
CA ARG B 59 26.93 17.95 17.76
C ARG B 59 26.75 16.45 17.49
N GLU B 60 26.96 15.61 18.50
CA GLU B 60 26.88 14.12 18.42
C GLU B 60 25.55 13.69 19.03
N ILE B 61 24.61 13.25 18.20
CA ILE B 61 23.18 13.10 18.59
C ILE B 61 22.64 11.75 18.09
N LEU B 62 22.07 10.97 19.01
CA LEU B 62 21.33 9.72 18.71
C LEU B 62 19.84 10.06 18.59
N ILE B 63 19.23 9.69 17.46
CA ILE B 63 17.76 9.82 17.21
C ILE B 63 17.12 8.44 17.40
N ILE B 64 16.29 8.30 18.42
CA ILE B 64 15.52 7.06 18.73
C ILE B 64 14.09 7.25 18.22
N SER B 65 13.61 6.35 17.36
CA SER B 65 12.24 6.35 16.79
C SER B 65 11.71 4.93 16.66
N THR B 66 10.48 4.78 16.15
CA THR B 66 9.87 3.45 15.89
C THR B 66 10.66 2.76 14.77
N PRO B 67 10.61 1.42 14.70
CA PRO B 67 11.24 0.71 13.59
C PRO B 67 10.76 1.24 12.23
N GLN B 68 9.47 1.55 12.13
CA GLN B 68 8.83 1.99 10.87
C GLN B 68 9.38 3.36 10.45
N ASP B 69 9.61 4.28 11.40
CA ASP B 69 9.85 5.70 11.07
C ASP B 69 11.34 6.03 11.03
N THR B 70 12.24 5.16 11.55
CA THR B 70 13.70 5.39 11.52
C THR B 70 14.16 5.80 10.12
N PRO B 71 13.80 5.05 9.06
CA PRO B 71 14.20 5.42 7.69
C PRO B 71 13.71 6.81 7.25
N ARG B 72 12.54 7.26 7.73
CA ARG B 72 11.98 8.60 7.41
C ARG B 72 12.81 9.69 8.09
N PHE B 73 13.20 9.50 9.35
CA PHE B 73 14.11 10.42 10.10
C PHE B 73 15.46 10.46 9.37
N GLN B 74 15.95 9.30 8.91
CA GLN B 74 17.26 9.18 8.20
C GLN B 74 17.19 9.91 6.86
N GLN B 75 16.06 9.80 6.14
CA GLN B 75 15.84 10.47 4.84
C GLN B 75 15.80 12.00 5.07
N LEU B 76 15.17 12.45 6.16
CA LEU B 76 15.05 13.90 6.50
C LEU B 76 16.42 14.46 6.87
N LEU B 77 17.16 13.81 7.78
CA LEU B 77 18.31 14.41 8.51
C LEU B 77 19.66 13.86 8.02
N GLY B 78 19.69 12.69 7.38
CA GLY B 78 20.96 12.02 6.98
C GLY B 78 21.85 11.76 8.18
N ASP B 79 23.18 11.86 7.99
CA ASP B 79 24.19 11.63 9.06
C ASP B 79 24.53 12.95 9.76
N GLY B 80 23.93 14.06 9.32
CA GLY B 80 24.04 15.39 9.96
C GLY B 80 25.23 16.18 9.43
N SER B 81 26.09 15.56 8.63
CA SER B 81 27.38 16.13 8.15
C SER B 81 27.12 17.43 7.37
N ASN B 82 25.97 17.55 6.70
CA ASN B 82 25.55 18.77 5.96
C ASN B 82 25.33 19.94 6.92
N TRP B 83 25.08 19.68 8.21
CA TRP B 83 24.83 20.72 9.24
C TRP B 83 25.96 20.72 10.28
N GLY B 84 27.08 20.06 10.01
CA GLY B 84 28.22 19.97 10.94
C GLY B 84 27.89 19.13 12.16
N LEU B 85 26.95 18.21 12.05
CA LEU B 85 26.55 17.28 13.13
C LEU B 85 27.02 15.86 12.80
N ASP B 86 27.03 15.00 13.80
CA ASP B 86 27.18 13.53 13.66
C ASP B 86 25.90 12.89 14.20
N LEU B 87 24.97 12.54 13.30
CA LEU B 87 23.67 11.91 13.68
C LEU B 87 23.79 10.40 13.54
N GLN B 88 23.44 9.67 14.59
CA GLN B 88 23.26 8.20 14.59
C GLN B 88 21.79 7.89 14.92
N TYR B 89 21.33 6.67 14.63
CA TYR B 89 19.91 6.26 14.73
C TYR B 89 19.80 4.94 15.49
N ALA B 90 18.76 4.82 16.31
CA ALA B 90 18.38 3.59 17.03
C ALA B 90 16.85 3.48 17.05
N VAL B 91 16.31 2.29 17.25
CA VAL B 91 14.84 2.03 17.20
C VAL B 91 14.36 1.71 18.62
N GLN B 92 13.14 2.13 18.96
CA GLN B 92 12.39 1.70 20.17
C GLN B 92 11.30 0.76 19.68
N PRO B 93 11.51 -0.58 19.75
CA PRO B 93 10.51 -1.55 19.29
C PRO B 93 9.10 -1.29 19.85
N SER B 94 9.01 -0.95 21.13
CA SER B 94 7.74 -0.72 21.87
C SER B 94 7.91 0.45 22.84
N PRO B 95 6.93 1.37 22.95
CA PRO B 95 7.05 2.51 23.86
C PRO B 95 6.87 2.09 25.33
N ASP B 96 7.93 1.58 25.95
CA ASP B 96 7.95 1.03 27.33
C ASP B 96 8.65 2.04 28.25
N GLY B 97 8.43 3.35 28.04
CA GLY B 97 8.91 4.42 28.93
C GLY B 97 10.10 5.17 28.35
N LEU B 98 10.29 6.42 28.80
CA LEU B 98 11.32 7.35 28.28
C LEU B 98 12.72 6.89 28.73
N ALA B 99 12.82 6.24 29.90
CA ALA B 99 14.11 5.81 30.51
C ALA B 99 14.78 4.73 29.66
N GLN B 100 14.00 4.02 28.84
CA GLN B 100 14.50 2.99 27.90
C GLN B 100 15.53 3.61 26.94
N ALA B 101 15.45 4.93 26.73
CA ALA B 101 16.38 5.70 25.84
C ALA B 101 17.83 5.42 26.24
N PHE B 102 18.11 5.20 27.53
CA PHE B 102 19.48 5.06 28.09
C PHE B 102 20.00 3.63 27.88
N LEU B 103 19.12 2.65 27.76
CA LEU B 103 19.47 1.23 27.45
C LEU B 103 19.74 1.11 25.94
N ILE B 104 18.81 1.59 25.12
CA ILE B 104 18.96 1.65 23.64
C ILE B 104 20.22 2.46 23.33
N GLY B 105 20.42 3.58 24.03
CA GLY B 105 21.52 4.53 23.78
C GLY B 105 22.81 4.17 24.51
N GLU B 106 22.85 3.06 25.24
CA GLU B 106 23.97 2.68 26.15
C GLU B 106 25.31 2.74 25.39
N SER B 107 25.41 2.06 24.26
CA SER B 107 26.65 1.93 23.45
C SER B 107 27.02 3.31 22.86
N PHE B 108 26.02 4.08 22.41
CA PHE B 108 26.20 5.44 21.85
C PHE B 108 26.78 6.37 22.92
N ILE B 109 26.25 6.31 24.15
CA ILE B 109 26.66 7.16 25.30
C ILE B 109 28.09 6.81 25.69
N GLY B 110 28.41 5.51 25.81
CA GLY B 110 29.73 5.05 26.28
C GLY B 110 30.04 5.59 27.66
N ASN B 111 31.17 6.30 27.82
CA ASN B 111 31.65 6.83 29.13
C ASN B 111 31.41 8.34 29.21
N ASP B 112 30.59 8.90 28.31
CA ASP B 112 30.44 10.36 28.15
C ASP B 112 29.24 10.88 28.95
N LEU B 113 29.17 12.20 29.13
CA LEU B 113 27.98 12.94 29.63
C LEU B 113 26.91 12.89 28.52
N SER B 114 25.63 13.04 28.88
CA SER B 114 24.50 12.97 27.93
C SER B 114 23.46 14.05 28.22
N ALA B 115 22.65 14.36 27.19
CA ALA B 115 21.43 15.19 27.31
C ALA B 115 20.32 14.46 26.55
N LEU B 116 19.19 14.23 27.21
CA LEU B 116 17.95 13.69 26.59
C LEU B 116 16.96 14.84 26.38
N VAL B 117 16.45 14.97 25.15
CA VAL B 117 15.32 15.88 24.83
C VAL B 117 14.19 15.06 24.19
N LEU B 118 12.95 15.36 24.54
CA LEU B 118 11.78 14.72 23.91
C LEU B 118 11.58 15.35 22.53
N GLY B 119 11.24 14.53 21.54
CA GLY B 119 11.15 14.91 20.12
C GLY B 119 9.97 15.82 19.83
N ASP B 120 9.07 16.01 20.80
CA ASP B 120 7.82 16.78 20.63
C ASP B 120 7.79 17.99 21.58
N ASN B 121 8.94 18.38 22.14
CA ASN B 121 9.05 19.54 23.06
C ASN B 121 9.63 20.73 22.31
N LEU B 122 8.96 21.87 22.45
CA LEU B 122 9.33 23.18 21.86
C LEU B 122 9.65 24.17 22.99
N TYR B 123 10.79 24.84 22.86
CA TYR B 123 11.28 25.88 23.80
C TYR B 123 11.54 27.18 23.03
N TYR B 124 11.31 28.31 23.68
CA TYR B 124 11.63 29.66 23.13
C TYR B 124 11.93 30.63 24.29
N GLY B 125 12.92 31.50 24.11
CA GLY B 125 13.09 32.66 25.00
C GLY B 125 14.50 33.21 25.02
N HIS B 126 14.67 34.34 25.70
CA HIS B 126 15.93 35.09 25.84
C HIS B 126 16.85 34.36 26.82
N ASP B 127 18.14 34.24 26.49
CA ASP B 127 19.18 33.58 27.31
C ASP B 127 18.84 32.09 27.50
N PHE B 128 18.09 31.48 26.57
CA PHE B 128 17.86 30.01 26.57
C PHE B 128 19.22 29.30 26.46
N HIS B 129 20.14 29.83 25.64
CA HIS B 129 21.53 29.30 25.47
C HIS B 129 22.25 29.27 26.81
N GLU B 130 22.03 30.26 27.68
CA GLU B 130 22.65 30.35 29.04
C GLU B 130 22.01 29.33 29.98
N LEU B 131 20.70 29.16 29.90
CA LEU B 131 19.94 28.16 30.71
C LEU B 131 20.47 26.75 30.36
N LEU B 132 20.67 26.47 29.07
CA LEU B 132 21.25 25.19 28.57
C LEU B 132 22.71 25.09 29.02
N GLY B 133 23.48 26.17 28.85
CA GLY B 133 24.90 26.27 29.21
C GLY B 133 25.19 25.92 30.66
N SER B 134 24.36 26.40 31.60
CA SER B 134 24.53 26.18 33.06
C SER B 134 24.36 24.69 33.38
N ALA B 135 23.37 24.03 32.78
CA ALA B 135 23.10 22.58 32.97
C ALA B 135 24.24 21.76 32.33
N SER B 136 24.71 22.17 31.15
CA SER B 136 25.71 21.44 30.32
C SER B 136 27.10 21.48 30.98
N GLN B 137 27.41 22.56 31.70
CA GLN B 137 28.72 22.80 32.37
C GLN B 137 28.83 22.00 33.67
N ARG B 138 27.71 21.73 34.35
CA ARG B 138 27.66 20.85 35.56
C ARG B 138 27.97 19.41 35.13
N GLN B 139 29.21 18.96 35.37
CA GLN B 139 29.76 17.69 34.84
C GLN B 139 29.51 16.52 35.80
N THR B 140 28.81 16.73 36.92
CA THR B 140 28.37 15.67 37.86
C THR B 140 26.89 15.84 38.16
N GLY B 141 26.21 14.74 38.48
CA GLY B 141 24.77 14.71 38.81
C GLY B 141 23.91 14.96 37.59
N ALA B 142 22.64 15.30 37.82
CA ALA B 142 21.61 15.54 36.78
C ALA B 142 21.06 16.96 36.92
N SER B 143 20.73 17.59 35.79
CA SER B 143 20.06 18.90 35.72
C SER B 143 18.75 18.77 34.93
N VAL B 144 17.65 19.23 35.52
CA VAL B 144 16.30 19.31 34.88
C VAL B 144 15.75 20.72 35.09
N PHE B 145 14.66 21.05 34.41
CA PHE B 145 14.02 22.39 34.44
C PHE B 145 12.57 22.24 34.89
N ALA B 146 12.15 23.12 35.81
CA ALA B 146 10.79 23.20 36.36
C ALA B 146 10.09 24.44 35.79
N TYR B 147 8.88 24.26 35.27
CA TYR B 147 8.09 25.29 34.56
C TYR B 147 6.66 25.26 35.11
N HIS B 148 6.17 26.43 35.52
CA HIS B 148 4.78 26.59 36.03
C HIS B 148 3.81 26.30 34.88
N VAL B 149 2.89 25.35 35.08
CA VAL B 149 1.84 24.96 34.09
C VAL B 149 0.49 24.96 34.80
N LEU B 150 -0.60 25.02 34.03
CA LEU B 150 -1.99 24.96 34.53
C LEU B 150 -2.35 23.53 34.96
N ASP B 151 -1.78 22.52 34.30
CA ASP B 151 -2.22 21.11 34.39
C ASP B 151 -1.04 20.23 34.81
N PRO B 152 -0.46 20.46 36.00
CA PRO B 152 0.74 19.73 36.44
C PRO B 152 0.53 18.20 36.50
N GLU B 153 -0.71 17.76 36.71
CA GLU B 153 -1.09 16.31 36.83
C GLU B 153 -0.73 15.54 35.55
N ARG B 154 -0.47 16.22 34.43
CA ARG B 154 -0.09 15.57 33.14
C ARG B 154 1.41 15.23 33.13
N TYR B 155 2.19 15.73 34.10
CA TYR B 155 3.67 15.72 34.03
C TYR B 155 4.29 15.13 35.30
N GLY B 156 5.62 15.02 35.28
CA GLY B 156 6.44 14.94 36.50
C GLY B 156 6.38 16.27 37.26
N VAL B 157 5.98 16.22 38.52
CA VAL B 157 5.75 17.43 39.37
C VAL B 157 6.84 17.49 40.44
N VAL B 158 7.48 18.67 40.56
CA VAL B 158 8.50 19.00 41.60
C VAL B 158 7.78 19.70 42.75
N GLU B 159 8.02 19.24 43.98
CA GLU B 159 7.63 19.91 45.25
C GLU B 159 8.87 20.61 45.80
N PHE B 160 8.73 21.87 46.22
CA PHE B 160 9.81 22.67 46.85
C PHE B 160 9.46 22.92 48.32
N ASP B 161 10.49 23.01 49.18
CA ASP B 161 10.33 23.43 50.60
C ASP B 161 10.29 24.97 50.65
N GLN B 162 10.01 25.54 51.82
CA GLN B 162 9.88 27.01 52.02
C GLN B 162 11.12 27.73 51.48
N GLY B 163 12.29 27.06 51.48
CA GLY B 163 13.57 27.62 51.02
C GLY B 163 13.80 27.47 49.52
N GLY B 164 12.87 26.86 48.78
CA GLY B 164 12.96 26.68 47.31
C GLY B 164 13.88 25.53 46.92
N LYS B 165 14.14 24.59 47.84
CA LYS B 165 14.90 23.34 47.57
C LYS B 165 13.90 22.26 47.12
N ALA B 166 14.24 21.50 46.08
CA ALA B 166 13.42 20.39 45.54
C ALA B 166 13.48 19.21 46.53
N ILE B 167 12.33 18.72 46.98
CA ILE B 167 12.23 17.69 48.06
C ILE B 167 11.43 16.45 47.60
N SER B 168 10.64 16.53 46.54
CA SER B 168 9.94 15.34 45.97
C SER B 168 9.67 15.51 44.46
N LEU B 169 9.59 14.37 43.76
CA LEU B 169 9.15 14.23 42.34
C LEU B 169 8.04 13.19 42.30
N GLU B 170 6.91 13.51 41.66
CA GLU B 170 5.79 12.57 41.44
C GLU B 170 5.44 12.56 39.95
N GLU B 171 5.25 11.38 39.36
CA GLU B 171 4.87 11.21 37.94
C GLU B 171 3.34 11.26 37.85
N LYS B 172 2.80 12.26 37.15
CA LYS B 172 1.35 12.43 36.89
C LYS B 172 0.54 12.20 38.16
N PRO B 173 0.81 12.96 39.25
CA PRO B 173 0.08 12.78 40.51
C PRO B 173 -1.37 13.26 40.38
N LEU B 174 -2.29 12.50 40.97
CA LEU B 174 -3.74 12.84 41.05
C LEU B 174 -3.92 14.13 41.86
N GLU B 175 -3.01 14.40 42.79
CA GLU B 175 -3.02 15.61 43.67
C GLU B 175 -1.64 16.24 43.63
N PRO B 176 -1.34 17.04 42.58
CA PRO B 176 -0.03 17.68 42.45
C PRO B 176 0.32 18.53 43.70
N LYS B 177 1.58 18.44 44.15
CA LYS B 177 2.09 19.19 45.32
C LYS B 177 2.36 20.65 44.91
N SER B 178 2.60 20.91 43.62
CA SER B 178 2.84 22.26 43.06
C SER B 178 2.31 22.33 41.63
N ASN B 179 2.49 23.48 40.98
CA ASN B 179 2.13 23.69 39.55
C ASN B 179 3.40 23.61 38.70
N TYR B 180 4.50 23.08 39.26
CA TYR B 180 5.83 23.03 38.61
C TYR B 180 6.05 21.65 37.98
N ALA B 181 6.01 21.62 36.65
CA ALA B 181 6.22 20.42 35.82
C ALA B 181 7.70 20.36 35.39
N VAL B 182 8.25 19.15 35.29
CA VAL B 182 9.60 18.90 34.73
C VAL B 182 9.50 18.91 33.21
N THR B 183 10.25 19.77 32.52
CA THR B 183 10.24 19.88 31.04
C THR B 183 10.92 18.63 30.46
N GLY B 184 10.74 18.36 29.17
CA GLY B 184 11.32 17.20 28.46
C GLY B 184 12.73 17.48 27.99
N LEU B 185 13.57 18.00 28.88
CA LEU B 185 14.99 18.31 28.62
C LEU B 185 15.80 17.94 29.86
N TYR B 186 16.70 16.96 29.76
CA TYR B 186 17.38 16.31 30.91
C TYR B 186 18.88 16.22 30.61
N PHE B 187 19.72 16.72 31.54
CA PHE B 187 21.20 16.62 31.48
C PHE B 187 21.65 15.58 32.51
N TYR B 188 22.54 14.66 32.11
CA TYR B 188 22.97 13.51 32.95
C TYR B 188 24.49 13.34 32.88
N ASP B 189 25.06 12.85 33.98
CA ASP B 189 26.48 12.42 34.08
C ASP B 189 26.56 10.95 33.63
N GLN B 190 27.66 10.26 33.96
CA GLN B 190 27.95 8.87 33.52
C GLN B 190 27.18 7.85 34.36
N GLN B 191 26.44 8.28 35.39
CA GLN B 191 25.68 7.36 36.28
C GLN B 191 24.36 6.92 35.64
N VAL B 192 23.86 7.62 34.61
CA VAL B 192 22.44 7.52 34.16
C VAL B 192 22.17 6.11 33.61
N VAL B 193 23.07 5.55 32.80
CA VAL B 193 22.84 4.22 32.14
C VAL B 193 22.63 3.17 33.22
N ASP B 194 23.50 3.16 34.24
CA ASP B 194 23.49 2.19 35.38
C ASP B 194 22.19 2.39 36.18
N ILE B 195 21.83 3.63 36.49
CA ILE B 195 20.56 3.98 37.22
C ILE B 195 19.39 3.40 36.42
N ALA B 196 19.40 3.55 35.10
CA ALA B 196 18.33 3.09 34.18
C ALA B 196 18.23 1.57 34.16
N ARG B 197 19.36 0.87 34.16
CA ARG B 197 19.43 -0.62 34.12
C ARG B 197 18.78 -1.21 35.37
N ASP B 198 18.83 -0.50 36.51
CA ASP B 198 18.31 -0.99 37.83
C ASP B 198 16.82 -0.68 37.99
N LEU B 199 16.19 0.05 37.07
CA LEU B 199 14.75 0.45 37.16
C LEU B 199 13.87 -0.78 36.87
N LYS B 200 12.77 -0.91 37.62
CA LYS B 200 11.66 -1.89 37.37
C LYS B 200 10.48 -1.15 36.76
N PRO B 201 9.80 -1.69 35.73
CA PRO B 201 8.56 -1.09 35.21
C PRO B 201 7.56 -0.70 36.30
N SER B 202 6.88 0.43 36.14
CA SER B 202 5.85 0.96 37.07
C SER B 202 4.59 0.08 36.97
N GLY B 205 3.46 -0.17 33.31
CA GLY B 205 4.46 -1.04 32.66
C GLY B 205 5.45 -0.27 31.81
N GLU B 206 6.02 0.81 32.37
CA GLU B 206 6.95 1.75 31.70
C GLU B 206 8.16 2.03 32.60
N LEU B 207 9.37 2.12 31.99
CA LEU B 207 10.59 2.64 32.64
C LEU B 207 10.50 4.16 32.69
N GLU B 208 10.23 4.71 33.87
CA GLU B 208 9.84 6.13 34.10
C GLU B 208 11.10 7.01 34.18
N ILE B 209 11.16 8.10 33.40
CA ILE B 209 12.25 9.11 33.52
C ILE B 209 12.22 9.73 34.92
N THR B 210 11.03 9.90 35.51
CA THR B 210 10.83 10.46 36.87
C THR B 210 11.54 9.57 37.91
N ASP B 211 11.60 8.25 37.69
CA ASP B 211 12.32 7.30 38.58
C ASP B 211 13.82 7.56 38.47
N VAL B 212 14.34 7.77 37.24
CA VAL B 212 15.75 8.16 36.99
C VAL B 212 16.05 9.45 37.76
N ASN B 213 15.17 10.45 37.67
CA ASN B 213 15.39 11.79 38.25
C ASN B 213 15.28 11.68 39.78
N ARG B 214 14.37 10.85 40.30
CA ARG B 214 14.21 10.64 41.77
C ARG B 214 15.47 9.97 42.33
N ALA B 215 16.08 9.05 41.58
CA ALA B 215 17.34 8.37 41.96
C ALA B 215 18.42 9.44 42.22
N TYR B 216 18.57 10.42 41.32
CA TYR B 216 19.56 11.52 41.45
C TYR B 216 19.18 12.42 42.64
N LEU B 217 17.87 12.67 42.84
CA LEU B 217 17.35 13.54 43.94
C LEU B 217 17.72 12.91 45.29
N GLU B 218 17.46 11.61 45.46
CA GLU B 218 17.74 10.85 46.71
C GLU B 218 19.24 10.85 47.01
N ARG B 219 20.11 10.85 45.99
CA ARG B 219 21.59 11.00 46.14
C ARG B 219 21.97 12.47 46.34
N GLY B 220 20.99 13.38 46.40
CA GLY B 220 21.20 14.84 46.45
C GLY B 220 22.02 15.35 45.27
N GLN B 221 21.82 14.79 44.08
CA GLN B 221 22.61 15.12 42.85
C GLN B 221 21.69 15.57 41.71
N LEU B 222 20.45 15.99 42.03
CA LEU B 222 19.49 16.55 41.05
C LEU B 222 19.44 18.08 41.20
N SER B 223 19.97 18.80 40.21
CA SER B 223 19.79 20.26 40.04
C SER B 223 18.44 20.52 39.36
N VAL B 224 17.55 21.26 40.01
CA VAL B 224 16.22 21.69 39.49
C VAL B 224 16.27 23.20 39.33
N GLU B 225 16.53 23.68 38.11
CA GLU B 225 16.55 25.13 37.78
C GLU B 225 15.15 25.52 37.34
N ILE B 226 14.67 26.70 37.78
CA ILE B 226 13.37 27.26 37.32
C ILE B 226 13.56 27.76 35.88
N MET B 227 12.72 27.27 34.97
CA MET B 227 12.50 27.89 33.64
C MET B 227 11.39 28.92 33.82
N GLY B 228 11.76 30.20 33.80
CA GLY B 228 10.89 31.33 34.13
C GLY B 228 9.71 31.44 33.18
N ARG B 229 8.68 32.18 33.61
CA ARG B 229 7.44 32.47 32.86
C ARG B 229 7.76 33.26 31.58
N GLY B 230 8.94 33.88 31.48
CA GLY B 230 9.43 34.60 30.29
C GLY B 230 9.90 33.66 29.19
N TYR B 231 10.00 32.36 29.48
CA TYR B 231 10.23 31.29 28.47
C TYR B 231 8.89 30.67 28.09
N ALA B 232 8.77 30.28 26.82
CA ALA B 232 7.66 29.46 26.30
C ALA B 232 8.16 28.02 26.25
N TRP B 233 7.56 27.15 27.05
CA TRP B 233 7.66 25.68 26.90
C TRP B 233 6.32 25.20 26.36
N LEU B 234 6.28 24.76 25.11
CA LEU B 234 5.00 24.53 24.40
C LEU B 234 4.64 23.04 24.44
N ASP B 235 3.32 22.84 24.46
CA ASP B 235 2.62 21.55 24.54
C ASP B 235 2.31 21.10 23.12
N THR B 236 2.76 19.90 22.71
CA THR B 236 2.30 19.25 21.45
C THR B 236 1.59 17.93 21.80
N GLY B 237 0.95 17.83 22.97
CA GLY B 237 0.33 16.59 23.48
C GLY B 237 -1.05 16.32 22.87
N THR B 238 -1.76 17.37 22.45
CA THR B 238 -3.15 17.30 21.93
C THR B 238 -3.23 17.99 20.56
N HIS B 239 -4.27 17.70 19.80
CA HIS B 239 -4.58 18.37 18.50
C HIS B 239 -4.68 19.89 18.72
N ASP B 240 -5.34 20.30 19.80
CA ASP B 240 -5.53 21.73 20.18
C ASP B 240 -4.16 22.39 20.44
N SER B 241 -3.29 21.77 21.25
CA SER B 241 -1.99 22.36 21.65
C SER B 241 -1.00 22.34 20.47
N LEU B 242 -1.08 21.34 19.60
CA LEU B 242 -0.23 21.23 18.37
C LEU B 242 -0.52 22.46 17.49
N LEU B 243 -1.80 22.78 17.33
CA LEU B 243 -2.29 23.92 16.52
C LEU B 243 -1.80 25.25 17.12
N GLU B 244 -1.93 25.41 18.44
CA GLU B 244 -1.46 26.61 19.19
C GLU B 244 0.05 26.77 19.00
N ALA B 245 0.82 25.67 19.03
CA ALA B 245 2.29 25.71 18.85
C ALA B 245 2.61 26.25 17.45
N GLY B 246 1.89 25.77 16.43
CA GLY B 246 1.99 26.29 15.05
C GLY B 246 1.73 27.79 14.98
N GLN B 247 0.64 28.25 15.60
CA GLN B 247 0.23 29.69 15.58
C GLN B 247 1.28 30.53 16.32
N PHE B 248 1.85 29.98 17.39
CA PHE B 248 2.86 30.65 18.26
C PHE B 248 4.14 30.91 17.46
N ILE B 249 4.66 29.90 16.77
CA ILE B 249 5.88 30.01 15.92
C ILE B 249 5.59 30.96 14.75
N ALA B 250 4.44 30.81 14.08
CA ALA B 250 4.04 31.62 12.92
C ALA B 250 4.03 33.11 13.31
N THR B 251 3.47 33.45 14.46
CA THR B 251 3.37 34.85 14.98
C THR B 251 4.78 35.42 15.17
N LEU B 252 5.69 34.67 15.82
CA LEU B 252 7.08 35.13 16.07
C LEU B 252 7.80 35.31 14.73
N GLU B 253 7.73 34.33 13.84
CA GLU B 253 8.52 34.32 12.57
C GLU B 253 8.02 35.43 11.63
N ASN B 254 6.71 35.62 11.51
CA ASN B 254 6.11 36.63 10.59
C ASN B 254 6.32 38.04 11.16
N ARG B 255 6.40 38.17 12.50
CA ARG B 255 6.73 39.46 13.16
C ARG B 255 8.20 39.82 12.87
N GLN B 256 9.11 38.86 13.06
CA GLN B 256 10.57 39.12 13.13
C GLN B 256 11.21 39.08 11.73
N GLY B 257 10.68 38.28 10.80
CA GLY B 257 11.42 37.87 9.61
C GLY B 257 12.62 37.03 9.99
N LEU B 258 12.56 36.39 11.15
CA LEU B 258 13.61 35.46 11.68
C LEU B 258 12.91 34.16 12.05
N LYS B 259 13.60 33.03 11.88
CA LYS B 259 13.04 31.70 12.15
C LYS B 259 13.43 31.27 13.57
N VAL B 260 12.55 30.50 14.21
CA VAL B 260 12.84 29.75 15.45
C VAL B 260 13.22 28.32 15.04
N ALA B 261 14.38 27.84 15.51
CA ALA B 261 14.84 26.44 15.40
C ALA B 261 15.03 26.05 13.93
N CYS B 262 15.66 26.94 13.15
CA CYS B 262 16.22 26.66 11.81
C CYS B 262 17.61 26.04 12.02
N PRO B 263 17.78 24.69 11.87
CA PRO B 263 19.05 24.05 12.16
C PRO B 263 20.23 24.57 11.31
N GLU B 264 19.98 24.86 10.03
CA GLU B 264 21.01 25.40 9.10
C GLU B 264 21.56 26.71 9.68
N GLU B 265 20.68 27.60 10.12
CA GLU B 265 21.04 28.90 10.73
C GLU B 265 21.88 28.67 12.00
N ILE B 266 21.43 27.79 12.90
CA ILE B 266 22.12 27.55 14.19
C ILE B 266 23.52 26.99 13.91
N ALA B 267 23.65 26.05 12.98
CA ALA B 267 24.94 25.44 12.60
C ALA B 267 25.88 26.53 12.07
N TYR B 268 25.38 27.40 11.22
CA TYR B 268 26.13 28.53 10.60
C TYR B 268 26.62 29.50 11.70
N ARG B 269 25.74 29.86 12.63
CA ARG B 269 26.04 30.84 13.71
C ARG B 269 26.98 30.21 14.74
N GLN B 270 26.94 28.88 14.92
CA GLN B 270 27.89 28.16 15.82
C GLN B 270 29.22 27.95 15.07
N LYS B 271 29.26 28.27 13.77
CA LYS B 271 30.45 28.14 12.88
C LYS B 271 30.78 26.65 12.71
N TRP B 272 29.75 25.80 12.73
CA TRP B 272 29.85 24.34 12.48
C TRP B 272 29.81 24.10 10.96
N ILE B 273 29.27 25.06 10.21
CA ILE B 273 29.35 25.13 8.72
C ILE B 273 29.70 26.57 8.33
N ASP B 274 30.28 26.77 7.14
CA ASP B 274 30.71 28.10 6.67
C ASP B 274 29.70 28.62 5.64
N ALA B 275 29.93 29.84 5.13
CA ALA B 275 29.08 30.54 4.14
C ALA B 275 28.87 29.64 2.91
N ALA B 276 29.93 29.00 2.42
CA ALA B 276 29.91 28.15 1.21
C ALA B 276 28.95 26.97 1.41
N GLN B 277 29.06 26.29 2.56
CA GLN B 277 28.19 25.13 2.90
C GLN B 277 26.73 25.60 2.99
N LEU B 278 26.47 26.72 3.67
CA LEU B 278 25.10 27.28 3.84
C LEU B 278 24.49 27.59 2.47
N GLU B 279 25.28 28.20 1.58
CA GLU B 279 24.83 28.55 0.20
C GLU B 279 24.40 27.28 -0.53
N LYS B 280 25.18 26.20 -0.41
CA LYS B 280 24.87 24.88 -1.03
C LYS B 280 23.53 24.35 -0.46
N LEU B 281 23.29 24.49 0.84
CA LEU B 281 22.04 24.03 1.50
C LEU B 281 20.84 24.86 1.02
N ALA B 282 21.05 26.15 0.72
CA ALA B 282 20.00 27.08 0.23
C ALA B 282 19.54 26.67 -1.18
N ALA B 283 20.48 26.26 -2.04
CA ALA B 283 20.28 26.01 -3.49
C ALA B 283 19.00 25.20 -3.73
N PRO B 284 18.84 23.97 -3.20
CA PRO B 284 17.67 23.15 -3.51
C PRO B 284 16.33 23.67 -2.93
N LEU B 285 16.38 24.68 -2.06
CA LEU B 285 15.19 25.28 -1.40
C LEU B 285 14.94 26.70 -1.93
N ALA B 286 15.73 27.14 -2.92
CA ALA B 286 15.83 28.55 -3.39
C ALA B 286 14.48 29.09 -3.85
N LYS B 287 13.55 28.21 -4.26
CA LYS B 287 12.23 28.57 -4.83
C LYS B 287 11.26 29.01 -3.72
N ASN B 288 11.41 28.48 -2.49
CA ASN B 288 10.48 28.74 -1.37
C ASN B 288 11.12 29.72 -0.37
N GLY B 289 10.34 30.15 0.64
CA GLY B 289 10.74 31.13 1.67
C GLY B 289 11.88 30.62 2.54
N TYR B 290 11.97 29.30 2.76
CA TYR B 290 12.97 28.68 3.66
C TYR B 290 14.36 28.84 3.03
N GLY B 291 14.50 28.47 1.76
CA GLY B 291 15.74 28.64 0.98
C GLY B 291 16.12 30.12 0.84
N GLN B 292 15.15 30.98 0.58
CA GLN B 292 15.35 32.45 0.48
C GLN B 292 15.85 32.98 1.83
N TYR B 293 15.32 32.45 2.93
CA TYR B 293 15.74 32.80 4.31
C TYR B 293 17.22 32.45 4.49
N LEU B 294 17.63 31.24 4.11
CA LEU B 294 19.03 30.77 4.25
C LEU B 294 19.96 31.67 3.41
N LYS B 295 19.53 32.09 2.21
CA LYS B 295 20.31 33.00 1.33
C LYS B 295 20.49 34.34 2.05
N ARG B 296 19.41 34.92 2.58
CA ARG B 296 19.45 36.23 3.29
C ARG B 296 20.43 36.17 4.46
N LEU B 297 20.58 35.02 5.13
CA LEU B 297 21.48 34.84 6.30
C LEU B 297 22.95 35.11 5.92
N LEU B 298 23.32 34.89 4.65
CA LEU B 298 24.72 35.04 4.18
C LEU B 298 25.15 36.52 4.17
N THR B 299 24.20 37.44 3.98
CA THR B 299 24.47 38.89 3.73
C THR B 299 24.04 39.77 4.91
N GLU B 300 23.08 39.34 5.74
CA GLU B 300 22.47 40.18 6.80
C GLU B 300 23.21 39.99 8.14
N THR B 301 23.45 41.09 8.84
CA THR B 301 23.92 41.12 10.25
C THR B 301 22.71 41.00 11.17
N VAL B 302 22.64 39.94 11.97
CA VAL B 302 21.54 39.70 12.96
C VAL B 302 22.16 39.62 14.35
N TYR B 303 21.78 40.54 15.25
CA TYR B 303 22.29 40.62 16.64
C TYR B 303 21.47 39.68 17.53
N LYS C 12 27.41 -2.05 4.95
CA LYS C 12 25.95 -2.02 4.62
C LYS C 12 25.75 -2.40 3.14
N ARG C 13 24.95 -3.44 2.89
CA ARG C 13 24.59 -3.86 1.51
C ARG C 13 23.08 -3.66 1.32
N LYS C 14 22.71 -2.96 0.25
CA LYS C 14 21.31 -2.70 -0.13
C LYS C 14 20.88 -3.69 -1.21
N GLY C 15 19.61 -4.05 -1.24
CA GLY C 15 19.02 -5.01 -2.18
C GLY C 15 18.19 -4.32 -3.25
N ILE C 16 18.22 -4.87 -4.47
CA ILE C 16 17.28 -4.49 -5.56
C ILE C 16 16.61 -5.77 -6.06
N ILE C 17 15.28 -5.77 -6.13
CA ILE C 17 14.47 -6.81 -6.86
C ILE C 17 13.98 -6.16 -8.16
N LEU C 18 14.44 -6.70 -9.29
CA LEU C 18 13.93 -6.30 -10.62
C LEU C 18 12.72 -7.18 -10.94
N ALA C 19 11.52 -6.58 -10.82
CA ALA C 19 10.21 -7.23 -11.03
C ALA C 19 9.51 -6.54 -12.21
N GLY C 20 10.16 -6.55 -13.38
CA GLY C 20 9.75 -5.80 -14.59
C GLY C 20 8.54 -6.39 -15.29
N GLY C 21 8.13 -5.77 -16.40
CA GLY C 21 6.89 -6.11 -17.15
C GLY C 21 7.04 -7.39 -17.95
N ARG C 25 4.53 -12.33 -23.06
CA ARG C 25 5.10 -13.70 -23.08
C ARG C 25 4.16 -14.68 -22.35
N LEU C 26 3.64 -14.28 -21.18
CA LEU C 26 2.80 -15.14 -20.29
C LEU C 26 1.33 -14.76 -20.37
N HIS C 27 0.91 -13.99 -21.38
CA HIS C 27 -0.52 -13.65 -21.63
C HIS C 27 -1.27 -14.92 -22.02
N PRO C 28 -2.56 -15.09 -21.64
CA PRO C 28 -3.31 -14.08 -20.88
C PRO C 28 -3.21 -14.15 -19.34
N ALA C 29 -2.42 -15.08 -18.79
CA ALA C 29 -2.24 -15.25 -17.33
C ALA C 29 -1.85 -13.90 -16.70
N THR C 30 -0.96 -13.14 -17.36
CA THR C 30 -0.40 -11.86 -16.87
C THR C 30 -1.15 -10.67 -17.47
N ILE C 33 -2.27 -9.57 -13.77
CA ILE C 33 -1.21 -9.24 -12.77
C ILE C 33 0.17 -9.32 -13.44
N SER C 34 1.16 -8.64 -12.84
CA SER C 34 2.60 -8.84 -13.13
C SER C 34 2.99 -10.28 -12.80
N LYS C 35 3.84 -10.87 -13.64
CA LYS C 35 4.47 -12.20 -13.45
C LYS C 35 4.82 -12.44 -11.98
N GLN C 36 5.50 -11.49 -11.33
CA GLN C 36 6.13 -11.69 -10.00
C GLN C 36 5.09 -11.58 -8.89
N LEU C 37 3.81 -11.37 -9.23
CA LEU C 37 2.67 -11.49 -8.27
C LEU C 37 1.92 -12.81 -8.49
N LEU C 38 2.22 -13.56 -9.56
CA LEU C 38 1.63 -14.91 -9.74
C LEU C 38 2.17 -15.82 -8.65
N PRO C 39 1.35 -16.73 -8.09
CA PRO C 39 1.84 -17.62 -7.05
C PRO C 39 2.80 -18.70 -7.58
N VAL C 40 3.79 -19.06 -6.76
CA VAL C 40 4.50 -20.37 -6.85
C VAL C 40 3.99 -21.20 -5.67
N TYR C 41 3.12 -22.17 -5.95
CA TYR C 41 2.32 -22.94 -4.96
C TYR C 41 1.47 -21.97 -4.13
N ASP C 42 1.90 -21.59 -2.94
CA ASP C 42 1.04 -20.99 -1.89
C ASP C 42 1.37 -19.51 -1.67
N LYS C 43 2.37 -18.95 -2.36
CA LYS C 43 2.82 -17.57 -2.06
C LYS C 43 3.24 -16.85 -3.34
N PRO C 44 3.08 -15.51 -3.39
CA PRO C 44 3.47 -14.73 -4.57
C PRO C 44 4.94 -14.98 -4.93
N MET C 45 5.22 -15.06 -6.23
CA MET C 45 6.59 -15.32 -6.77
C MET C 45 7.62 -14.43 -6.06
N ILE C 46 7.29 -13.16 -5.81
CA ILE C 46 8.30 -12.17 -5.32
C ILE C 46 8.75 -12.54 -3.90
N TYR C 47 7.95 -13.31 -3.14
CA TYR C 47 8.31 -13.80 -1.78
C TYR C 47 9.64 -14.58 -1.84
N TYR C 48 9.93 -15.26 -2.96
CA TYR C 48 11.11 -16.15 -3.08
C TYR C 48 12.39 -15.31 -3.20
N PRO C 49 12.55 -14.40 -4.19
CA PRO C 49 13.73 -13.53 -4.22
C PRO C 49 13.83 -12.59 -3.01
N LEU C 50 12.71 -12.09 -2.51
CA LEU C 50 12.70 -11.26 -1.28
C LEU C 50 13.35 -12.08 -0.14
N SER C 51 12.91 -13.33 0.02
CA SER C 51 13.39 -14.25 1.09
C SER C 51 14.89 -14.51 0.90
N THR C 52 15.34 -14.57 -0.35
CA THR C 52 16.77 -14.75 -0.73
C THR C 52 17.59 -13.57 -0.21
N LEU C 53 17.16 -12.34 -0.50
CA LEU C 53 17.86 -11.11 -0.03
C LEU C 53 17.88 -11.12 1.50
N MET C 54 16.76 -11.48 2.13
CA MET C 54 16.63 -11.52 3.60
C MET C 54 17.63 -12.53 4.18
N LEU C 55 17.80 -13.69 3.52
CA LEU C 55 18.74 -14.73 4.01
C LEU C 55 20.18 -14.25 3.87
N ALA C 56 20.46 -13.36 2.90
CA ALA C 56 21.78 -12.72 2.72
C ALA C 56 21.99 -11.60 3.74
N GLY C 57 21.00 -11.35 4.61
CA GLY C 57 21.07 -10.36 5.71
C GLY C 57 20.71 -8.95 5.26
N ILE C 58 20.10 -8.80 4.08
CA ILE C 58 19.76 -7.48 3.47
C ILE C 58 18.33 -7.10 3.88
N ARG C 59 18.18 -5.90 4.47
CA ARG C 59 16.91 -5.39 5.04
C ARG C 59 16.40 -4.18 4.25
N GLU C 60 17.28 -3.49 3.55
CA GLU C 60 16.96 -2.28 2.76
C GLU C 60 16.90 -2.67 1.29
N ILE C 61 15.71 -2.66 0.70
CA ILE C 61 15.45 -3.31 -0.61
C ILE C 61 14.61 -2.37 -1.48
N LEU C 62 15.09 -2.08 -2.69
CA LEU C 62 14.36 -1.35 -3.75
C LEU C 62 13.68 -2.37 -4.67
N ILE C 63 12.37 -2.24 -4.84
CA ILE C 63 11.56 -3.03 -5.81
C ILE C 63 11.31 -2.15 -7.05
N ILE C 64 11.88 -2.56 -8.19
CA ILE C 64 11.66 -1.89 -9.51
C ILE C 64 10.63 -2.72 -10.29
N SER C 65 9.54 -2.06 -10.71
CA SER C 65 8.43 -2.67 -11.50
C SER C 65 7.86 -1.59 -12.44
N THR C 66 6.85 -1.95 -13.24
CA THR C 66 6.19 -1.01 -14.17
C THR C 66 5.38 -0.01 -13.36
N PRO C 67 5.05 1.18 -13.90
CA PRO C 67 4.15 2.12 -13.25
C PRO C 67 2.84 1.43 -12.82
N GLN C 68 2.31 0.56 -13.66
CA GLN C 68 1.00 -0.11 -13.41
C GLN C 68 1.12 -1.10 -12.25
N ASP C 69 2.25 -1.78 -12.10
CA ASP C 69 2.41 -2.90 -11.14
C ASP C 69 2.90 -2.41 -9.77
N THR C 70 3.62 -1.29 -9.71
CA THR C 70 4.21 -0.75 -8.46
C THR C 70 3.15 -0.74 -7.36
N PRO C 71 1.95 -0.15 -7.56
CA PRO C 71 0.93 -0.13 -6.52
C PRO C 71 0.48 -1.51 -6.03
N ARG C 72 0.51 -2.52 -6.91
CA ARG C 72 0.14 -3.93 -6.56
C ARG C 72 1.21 -4.54 -5.65
N PHE C 73 2.49 -4.34 -5.97
CA PHE C 73 3.63 -4.75 -5.12
C PHE C 73 3.55 -4.03 -3.78
N GLN C 74 3.21 -2.74 -3.78
CA GLN C 74 3.10 -1.90 -2.55
C GLN C 74 1.92 -2.38 -1.69
N GLN C 75 0.81 -2.78 -2.31
CA GLN C 75 -0.38 -3.32 -1.61
C GLN C 75 -0.01 -4.67 -0.96
N LEU C 76 0.78 -5.50 -1.65
CA LEU C 76 1.23 -6.80 -1.11
C LEU C 76 2.20 -6.60 0.06
N LEU C 77 3.25 -5.79 -0.12
CA LEU C 77 4.47 -5.79 0.74
C LEU C 77 4.54 -4.56 1.66
N GLY C 78 3.85 -3.47 1.33
CA GLY C 78 3.95 -2.20 2.08
C GLY C 78 5.38 -1.68 2.11
N ASP C 79 5.78 -1.06 3.22
CA ASP C 79 7.13 -0.48 3.41
C ASP C 79 8.07 -1.52 4.05
N GLY C 80 7.56 -2.71 4.36
CA GLY C 80 8.35 -3.85 4.86
C GLY C 80 8.48 -3.82 6.38
N SER C 81 8.04 -2.75 7.03
CA SER C 81 8.25 -2.49 8.48
C SER C 81 7.62 -3.61 9.33
N ASN C 82 6.55 -4.24 8.83
CA ASN C 82 5.89 -5.39 9.50
C ASN C 82 6.83 -6.61 9.58
N TRP C 83 7.84 -6.68 8.70
CA TRP C 83 8.80 -7.81 8.61
C TRP C 83 10.21 -7.34 8.98
N GLY C 84 10.34 -6.15 9.57
CA GLY C 84 11.66 -5.59 9.97
C GLY C 84 12.49 -5.21 8.76
N LEU C 85 11.84 -4.92 7.63
CA LEU C 85 12.51 -4.50 6.38
C LEU C 85 12.21 -3.01 6.15
N ASP C 86 13.01 -2.39 5.29
CA ASP C 86 12.76 -1.06 4.70
C ASP C 86 12.63 -1.26 3.19
N LEU C 87 11.40 -1.36 2.68
CA LEU C 87 11.11 -1.54 1.24
C LEU C 87 10.83 -0.15 0.64
N GLN C 88 11.54 0.18 -0.44
CA GLN C 88 11.30 1.35 -1.30
C GLN C 88 10.94 0.84 -2.70
N TYR C 89 10.29 1.69 -3.49
CA TYR C 89 9.75 1.33 -4.81
C TYR C 89 10.21 2.38 -5.83
N ALA C 90 10.53 1.90 -7.04
CA ALA C 90 10.86 2.74 -8.21
C ALA C 90 10.20 2.11 -9.42
N VAL C 91 9.94 2.92 -10.44
CA VAL C 91 9.24 2.46 -11.68
C VAL C 91 10.27 2.34 -12.82
N GLN C 92 10.09 1.33 -13.65
CA GLN C 92 10.78 1.17 -14.96
C GLN C 92 9.77 1.55 -16.04
N PRO C 93 9.84 2.77 -16.58
CA PRO C 93 8.95 3.19 -17.67
C PRO C 93 8.90 2.19 -18.83
N SER C 94 10.06 1.64 -19.22
CA SER C 94 10.24 0.75 -20.39
C SER C 94 11.28 -0.32 -20.05
N PRO C 95 11.04 -1.61 -20.38
CA PRO C 95 12.00 -2.66 -20.05
C PRO C 95 13.22 -2.63 -20.99
N ASP C 96 14.20 -1.78 -20.67
CA ASP C 96 15.41 -1.51 -21.51
C ASP C 96 16.62 -2.25 -20.94
N GLY C 97 16.43 -3.44 -20.37
CA GLY C 97 17.52 -4.33 -19.91
C GLY C 97 17.69 -4.30 -18.39
N LEU C 98 18.36 -5.33 -17.86
CA LEU C 98 18.51 -5.56 -16.40
C LEU C 98 19.46 -4.51 -15.79
N ALA C 99 20.46 -4.06 -16.54
CA ALA C 99 21.52 -3.14 -16.05
C ALA C 99 20.92 -1.75 -15.76
N GLN C 100 19.77 -1.43 -16.37
CA GLN C 100 19.02 -0.16 -16.12
C GLN C 100 18.68 -0.06 -14.63
N ALA C 101 18.59 -1.19 -13.92
CA ALA C 101 18.28 -1.24 -12.47
C ALA C 101 19.21 -0.32 -11.67
N PHE C 102 20.47 -0.17 -12.12
CA PHE C 102 21.53 0.58 -11.39
C PHE C 102 21.39 2.09 -11.64
N LEU C 103 20.80 2.49 -12.77
CA LEU C 103 20.53 3.91 -13.10
C LEU C 103 19.27 4.35 -12.35
N ILE C 104 18.18 3.59 -12.47
CA ILE C 104 16.91 3.81 -11.72
C ILE C 104 17.24 3.80 -10.22
N GLY C 105 18.08 2.86 -9.79
CA GLY C 105 18.40 2.63 -8.36
C GLY C 105 19.55 3.48 -7.86
N GLU C 106 20.11 4.35 -8.71
CA GLU C 106 21.35 5.11 -8.43
C GLU C 106 21.26 5.83 -7.08
N SER C 107 20.22 6.63 -6.86
CA SER C 107 20.05 7.44 -5.62
C SER C 107 19.80 6.52 -4.42
N PHE C 108 19.04 5.44 -4.59
CA PHE C 108 18.77 4.43 -3.53
C PHE C 108 20.09 3.77 -3.09
N ILE C 109 20.95 3.40 -4.05
CA ILE C 109 22.26 2.73 -3.79
C ILE C 109 23.18 3.72 -3.06
N GLY C 110 23.28 4.95 -3.53
CA GLY C 110 24.24 5.96 -3.03
C GLY C 110 25.66 5.45 -3.10
N ASN C 111 26.36 5.43 -1.97
CA ASN C 111 27.79 5.04 -1.85
C ASN C 111 27.91 3.65 -1.24
N ASP C 112 26.82 2.87 -1.22
CA ASP C 112 26.75 1.56 -0.50
C ASP C 112 27.03 0.41 -1.48
N LEU C 113 27.28 -0.77 -0.90
CA LEU C 113 27.31 -2.08 -1.61
C LEU C 113 25.87 -2.42 -1.98
N SER C 114 25.68 -3.27 -3.00
CA SER C 114 24.34 -3.68 -3.51
C SER C 114 24.30 -5.17 -3.83
N ALA C 115 23.09 -5.72 -3.86
CA ALA C 115 22.76 -7.05 -4.40
C ALA C 115 21.53 -6.91 -5.30
N LEU C 116 21.63 -7.38 -6.55
CA LEU C 116 20.50 -7.46 -7.50
C LEU C 116 20.02 -8.90 -7.58
N VAL C 117 18.71 -9.11 -7.41
CA VAL C 117 18.06 -10.43 -7.63
C VAL C 117 16.92 -10.24 -8.63
N LEU C 118 16.73 -11.20 -9.54
CA LEU C 118 15.59 -11.18 -10.48
C LEU C 118 14.34 -11.65 -9.72
N GLY C 119 13.19 -11.00 -9.97
CA GLY C 119 11.94 -11.23 -9.23
C GLY C 119 11.31 -12.59 -9.52
N ASP C 120 11.85 -13.35 -10.49
CA ASP C 120 11.27 -14.64 -10.97
C ASP C 120 12.28 -15.77 -10.75
N ASN C 121 13.30 -15.58 -9.92
CA ASN C 121 14.32 -16.61 -9.60
C ASN C 121 14.01 -17.24 -8.24
N LEU C 122 14.02 -18.57 -8.19
CA LEU C 122 13.76 -19.40 -6.99
C LEU C 122 15.02 -20.22 -6.68
N TYR C 123 15.48 -20.18 -5.43
CA TYR C 123 16.66 -20.92 -4.92
C TYR C 123 16.23 -21.77 -3.72
N TYR C 124 16.85 -22.94 -3.55
CA TYR C 124 16.64 -23.83 -2.38
C TYR C 124 17.92 -24.65 -2.14
N GLY C 125 18.29 -24.85 -0.88
CA GLY C 125 19.28 -25.88 -0.51
C GLY C 125 19.98 -25.63 0.82
N HIS C 126 20.79 -26.59 1.23
CA HIS C 126 21.54 -26.60 2.50
C HIS C 126 22.73 -25.66 2.38
N ASP C 127 22.96 -24.85 3.41
CA ASP C 127 24.07 -23.85 3.50
C ASP C 127 23.93 -22.80 2.39
N PHE C 128 22.72 -22.53 1.90
CA PHE C 128 22.45 -21.41 0.97
C PHE C 128 22.84 -20.10 1.67
N HIS C 129 22.55 -19.98 2.97
CA HIS C 129 22.93 -18.81 3.81
C HIS C 129 24.45 -18.57 3.76
N GLU C 130 25.26 -19.64 3.76
CA GLU C 130 26.74 -19.58 3.72
C GLU C 130 27.20 -19.16 2.32
N LEU C 131 26.55 -19.69 1.27
CA LEU C 131 26.87 -19.32 -0.14
C LEU C 131 26.59 -17.82 -0.33
N LEU C 132 25.48 -17.31 0.21
CA LEU C 132 25.11 -15.86 0.17
C LEU C 132 26.10 -15.07 1.03
N GLY C 133 26.39 -15.57 2.24
CA GLY C 133 27.32 -14.94 3.20
C GLY C 133 28.70 -14.68 2.62
N SER C 134 29.27 -15.63 1.88
CA SER C 134 30.62 -15.53 1.28
C SER C 134 30.65 -14.41 0.23
N ALA C 135 29.61 -14.30 -0.61
CA ALA C 135 29.47 -13.22 -1.62
C ALA C 135 29.28 -11.87 -0.93
N SER C 136 28.46 -11.81 0.13
CA SER C 136 28.06 -10.56 0.83
C SER C 136 29.25 -9.97 1.61
N GLN C 137 30.15 -10.82 2.11
CA GLN C 137 31.33 -10.43 2.94
C GLN C 137 32.46 -9.88 2.06
N ARG C 138 32.56 -10.30 0.79
CA ARG C 138 33.50 -9.69 -0.19
C ARG C 138 33.04 -8.26 -0.50
N GLN C 139 33.68 -7.26 0.11
CA GLN C 139 33.21 -5.85 0.09
C GLN C 139 33.87 -5.07 -1.05
N THR C 140 34.64 -5.73 -1.92
CA THR C 140 35.21 -5.14 -3.16
C THR C 140 34.92 -6.09 -4.33
N GLY C 141 34.81 -5.54 -5.54
CA GLY C 141 34.49 -6.30 -6.76
C GLY C 141 33.06 -6.81 -6.78
N ALA C 142 32.79 -7.79 -7.65
CA ALA C 142 31.47 -8.40 -7.87
C ALA C 142 31.54 -9.91 -7.60
N SER C 143 30.46 -10.47 -7.08
CA SER C 143 30.27 -11.93 -6.88
C SER C 143 29.01 -12.39 -7.62
N VAL C 144 29.13 -13.44 -8.43
CA VAL C 144 28.00 -14.11 -9.13
C VAL C 144 28.12 -15.61 -8.87
N PHE C 145 27.08 -16.37 -9.24
CA PHE C 145 27.00 -17.83 -9.02
C PHE C 145 26.79 -18.52 -10.37
N ALA C 146 27.53 -19.60 -10.59
CA ALA C 146 27.47 -20.47 -11.77
C ALA C 146 26.81 -21.79 -11.38
N TYR C 147 25.82 -22.22 -12.16
CA TYR C 147 24.97 -23.40 -11.93
C TYR C 147 24.88 -24.21 -13.22
N HIS C 148 25.21 -25.51 -13.14
CA HIS C 148 25.11 -26.44 -14.30
C HIS C 148 23.63 -26.56 -14.69
N VAL C 149 23.31 -26.26 -15.94
CA VAL C 149 21.94 -26.35 -16.51
C VAL C 149 21.99 -27.14 -17.82
N LEU C 150 20.83 -27.64 -18.25
CA LEU C 150 20.64 -28.36 -19.54
C LEU C 150 20.73 -27.38 -20.70
N ASP C 151 20.27 -26.13 -20.52
CA ASP C 151 19.99 -25.17 -21.61
C ASP C 151 20.78 -23.89 -21.36
N PRO C 152 22.13 -23.95 -21.31
CA PRO C 152 22.93 -22.77 -20.97
C PRO C 152 22.72 -21.60 -21.96
N GLU C 153 22.32 -21.89 -23.20
CA GLU C 153 22.10 -20.89 -24.29
C GLU C 153 21.02 -19.88 -23.91
N ARG C 154 20.20 -20.17 -22.89
CA ARG C 154 19.12 -19.26 -22.41
C ARG C 154 19.70 -18.19 -21.47
N TYR C 155 20.95 -18.33 -21.03
CA TYR C 155 21.52 -17.53 -19.92
C TYR C 155 22.85 -16.88 -20.31
N GLY C 156 23.39 -16.08 -19.39
CA GLY C 156 24.82 -15.75 -19.31
C GLY C 156 25.62 -17.00 -19.00
N VAL C 157 26.62 -17.33 -19.82
CA VAL C 157 27.43 -18.57 -19.69
C VAL C 157 28.86 -18.21 -19.27
N VAL C 158 29.38 -18.89 -18.25
CA VAL C 158 30.78 -18.75 -17.75
C VAL C 158 31.61 -19.87 -18.38
N GLU C 159 32.76 -19.52 -18.95
CA GLU C 159 33.83 -20.46 -19.40
C GLU C 159 34.93 -20.44 -18.35
N PHE C 160 35.42 -21.62 -17.95
CA PHE C 160 36.53 -21.78 -16.98
C PHE C 160 37.76 -22.36 -17.69
N ASP C 161 38.96 -22.02 -17.23
CA ASP C 161 40.23 -22.65 -17.67
C ASP C 161 40.42 -23.96 -16.89
N GLN C 162 41.43 -24.75 -17.26
CA GLN C 162 41.74 -26.07 -16.65
C GLN C 162 41.84 -25.93 -15.12
N GLY C 163 42.24 -24.75 -14.62
CA GLY C 163 42.43 -24.46 -13.18
C GLY C 163 41.15 -24.01 -12.48
N GLY C 164 40.03 -23.90 -13.20
CA GLY C 164 38.72 -23.52 -12.64
C GLY C 164 38.60 -22.01 -12.42
N LYS C 165 39.43 -21.22 -13.11
CA LYS C 165 39.34 -19.73 -13.13
C LYS C 165 38.39 -19.32 -14.26
N ALA C 166 37.50 -18.35 -14.01
CA ALA C 166 36.56 -17.81 -15.01
C ALA C 166 37.34 -16.93 -15.99
N ILE C 167 37.22 -17.19 -17.29
CA ILE C 167 38.02 -16.52 -18.36
C ILE C 167 37.13 -15.84 -19.41
N SER C 168 35.85 -16.18 -19.52
CA SER C 168 34.90 -15.47 -20.43
C SER C 168 33.45 -15.56 -19.92
N LEU C 169 32.65 -14.56 -20.28
CA LEU C 169 31.18 -14.50 -20.09
C LEU C 169 30.53 -14.21 -21.44
N GLU C 170 29.52 -14.99 -21.83
CA GLU C 170 28.74 -14.76 -23.08
C GLU C 170 27.25 -14.72 -22.72
N GLU C 171 26.53 -13.74 -23.27
CA GLU C 171 25.06 -13.59 -23.07
C GLU C 171 24.33 -14.46 -24.10
N LYS C 172 23.60 -15.48 -23.66
CA LYS C 172 22.76 -16.36 -24.51
C LYS C 172 23.53 -16.78 -25.76
N PRO C 173 24.71 -17.42 -25.62
CA PRO C 173 25.48 -17.85 -26.79
C PRO C 173 24.78 -19.01 -27.51
N LEU C 174 24.75 -18.99 -28.83
CA LEU C 174 24.16 -20.08 -29.65
C LEU C 174 25.02 -21.34 -29.48
N GLU C 175 26.30 -21.19 -29.13
CA GLU C 175 27.25 -22.30 -28.89
C GLU C 175 27.93 -22.07 -27.55
N PRO C 176 27.26 -22.44 -26.42
CA PRO C 176 27.81 -22.23 -25.09
C PRO C 176 29.19 -22.91 -24.94
N LYS C 177 30.12 -22.24 -24.27
CA LYS C 177 31.47 -22.79 -23.95
C LYS C 177 31.39 -23.81 -22.81
N SER C 178 30.36 -23.71 -21.97
CA SER C 178 30.12 -24.65 -20.84
C SER C 178 28.61 -24.79 -20.61
N ASN C 179 28.24 -25.61 -19.63
CA ASN C 179 26.84 -25.80 -19.19
C ASN C 179 26.60 -24.96 -17.91
N TYR C 180 27.50 -24.02 -17.61
CA TYR C 180 27.45 -23.20 -16.39
C TYR C 180 26.81 -21.85 -16.72
N ALA C 181 25.57 -21.68 -16.24
CA ALA C 181 24.77 -20.44 -16.36
C ALA C 181 25.01 -19.57 -15.12
N VAL C 182 25.04 -18.25 -15.31
CA VAL C 182 25.06 -17.25 -14.21
C VAL C 182 23.61 -17.12 -13.70
N THR C 183 23.40 -17.35 -12.41
CA THR C 183 22.06 -17.25 -11.77
C THR C 183 21.68 -15.76 -11.70
N GLY C 184 20.40 -15.46 -11.46
CA GLY C 184 19.86 -14.09 -11.39
C GLY C 184 20.03 -13.50 -10.00
N LEU C 185 21.24 -13.62 -9.45
CA LEU C 185 21.63 -13.11 -8.11
C LEU C 185 23.06 -12.57 -8.21
N TYR C 186 23.23 -11.26 -8.01
CA TYR C 186 24.49 -10.52 -8.30
C TYR C 186 24.84 -9.62 -7.10
N PHE C 187 26.06 -9.74 -6.60
CA PHE C 187 26.62 -8.87 -5.52
C PHE C 187 27.61 -7.89 -6.16
N TYR C 188 27.51 -6.61 -5.80
CA TYR C 188 28.31 -5.51 -6.40
C TYR C 188 28.85 -4.57 -5.33
N ASP C 189 30.03 -4.00 -5.60
CA ASP C 189 30.65 -2.92 -4.79
C ASP C 189 30.11 -1.58 -5.30
N GLN C 190 30.78 -0.47 -4.95
CA GLN C 190 30.36 0.92 -5.27
C GLN C 190 30.68 1.28 -6.73
N GLN C 191 31.35 0.41 -7.48
CA GLN C 191 31.76 0.68 -8.89
C GLN C 191 30.59 0.47 -9.86
N VAL C 192 29.54 -0.26 -9.45
CA VAL C 192 28.53 -0.83 -10.40
C VAL C 192 27.77 0.29 -11.11
N VAL C 193 27.36 1.34 -10.41
CA VAL C 193 26.52 2.44 -10.99
C VAL C 193 27.31 3.08 -12.15
N ASP C 194 28.59 3.41 -11.92
CA ASP C 194 29.49 4.05 -12.90
C ASP C 194 29.71 3.10 -14.09
N ILE C 195 29.98 1.82 -13.82
CA ILE C 195 30.14 0.78 -14.89
C ILE C 195 28.88 0.76 -15.75
N ALA C 196 27.70 0.84 -15.12
CA ALA C 196 26.37 0.78 -15.79
C ALA C 196 26.16 2.01 -16.67
N ARG C 197 26.55 3.20 -16.18
CA ARG C 197 26.37 4.48 -16.91
C ARG C 197 27.18 4.49 -18.21
N ASP C 198 28.30 3.75 -18.27
CA ASP C 198 29.20 3.69 -19.46
C ASP C 198 28.75 2.64 -20.48
N LEU C 199 27.74 1.82 -20.18
CA LEU C 199 27.22 0.77 -21.11
C LEU C 199 26.43 1.42 -22.25
N LYS C 200 26.55 0.90 -23.48
CA LYS C 200 25.96 1.49 -24.71
C LYS C 200 24.64 0.80 -25.09
N GLU C 208 22.79 -4.75 -20.84
CA GLU C 208 23.05 -6.18 -20.49
C GLU C 208 23.77 -6.26 -19.14
N ILE C 209 23.22 -7.05 -18.20
CA ILE C 209 23.90 -7.37 -16.91
C ILE C 209 25.22 -8.10 -17.19
N THR C 210 25.28 -8.94 -18.23
CA THR C 210 26.50 -9.69 -18.63
C THR C 210 27.63 -8.71 -19.00
N ASP C 211 27.30 -7.54 -19.56
CA ASP C 211 28.29 -6.48 -19.89
C ASP C 211 28.85 -5.90 -18.58
N VAL C 212 27.98 -5.66 -17.59
CA VAL C 212 28.38 -5.22 -16.22
C VAL C 212 29.34 -6.26 -15.63
N ASN C 213 29.01 -7.55 -15.74
CA ASN C 213 29.78 -8.64 -15.11
C ASN C 213 31.11 -8.79 -15.86
N ARG C 214 31.11 -8.64 -17.18
CA ARG C 214 32.36 -8.72 -18.00
C ARG C 214 33.30 -7.57 -17.65
N ALA C 215 32.76 -6.38 -17.37
CA ALA C 215 33.55 -5.21 -16.92
C ALA C 215 34.35 -5.57 -15.65
N TYR C 216 33.71 -6.22 -14.66
CA TYR C 216 34.38 -6.65 -13.41
C TYR C 216 35.40 -7.76 -13.70
N LEU C 217 35.07 -8.67 -14.63
CA LEU C 217 35.96 -9.80 -15.01
C LEU C 217 37.26 -9.24 -15.62
N GLU C 218 37.14 -8.30 -16.56
CA GLU C 218 38.29 -7.63 -17.25
C GLU C 218 39.17 -6.89 -16.24
N ARG C 219 38.60 -6.33 -15.17
CA ARG C 219 39.35 -5.70 -14.05
C ARG C 219 39.88 -6.78 -13.09
N GLY C 220 39.64 -8.06 -13.37
CA GLY C 220 39.96 -9.18 -12.48
C GLY C 220 39.31 -9.05 -11.11
N GLN C 221 38.07 -8.54 -11.06
CA GLN C 221 37.32 -8.26 -9.81
C GLN C 221 35.98 -9.00 -9.80
N LEU C 222 35.81 -10.03 -10.64
CA LEU C 222 34.60 -10.90 -10.65
C LEU C 222 34.91 -12.22 -9.96
N SER C 223 34.28 -12.45 -8.81
CA SER C 223 34.22 -13.77 -8.13
C SER C 223 33.08 -14.59 -8.74
N VAL C 224 33.39 -15.78 -9.29
CA VAL C 224 32.40 -16.75 -9.79
C VAL C 224 32.44 -17.99 -8.88
N GLU C 225 31.50 -18.10 -7.94
CA GLU C 225 31.35 -19.28 -7.05
C GLU C 225 30.41 -20.29 -7.71
N ILE C 226 30.75 -21.57 -7.65
CA ILE C 226 29.86 -22.67 -8.11
C ILE C 226 28.69 -22.81 -7.12
N MET C 227 27.47 -22.74 -7.63
CA MET C 227 26.25 -23.22 -6.93
C MET C 227 26.09 -24.69 -7.32
N GLY C 228 26.37 -25.58 -6.38
CA GLY C 228 26.42 -27.05 -6.59
C GLY C 228 25.10 -27.63 -7.06
N ARG C 229 25.15 -28.84 -7.62
CA ARG C 229 23.99 -29.64 -8.09
C ARG C 229 23.06 -29.98 -6.91
N GLY C 230 23.56 -29.88 -5.66
CA GLY C 230 22.77 -30.10 -4.43
C GLY C 230 21.84 -28.93 -4.11
N TYR C 231 21.98 -27.81 -4.83
CA TYR C 231 21.03 -26.67 -4.81
C TYR C 231 20.04 -26.79 -5.97
N ALA C 232 18.81 -26.37 -5.73
CA ALA C 232 17.77 -26.17 -6.77
C ALA C 232 17.75 -24.69 -7.13
N TRP C 233 18.12 -24.36 -8.36
CA TRP C 233 17.87 -23.03 -8.97
C TRP C 233 16.79 -23.23 -10.03
N LEU C 234 15.58 -22.70 -9.80
CA LEU C 234 14.43 -22.98 -10.71
C LEU C 234 14.04 -21.76 -11.54
N ASP C 235 13.44 -22.07 -12.68
CA ASP C 235 12.88 -21.20 -13.74
C ASP C 235 11.41 -20.97 -13.43
N THR C 236 10.97 -19.72 -13.29
CA THR C 236 9.52 -19.37 -13.25
C THR C 236 9.14 -18.50 -14.46
N GLY C 237 9.86 -18.63 -15.57
CA GLY C 237 9.73 -17.74 -16.74
C GLY C 237 8.65 -18.15 -17.72
N THR C 238 8.21 -19.41 -17.70
CA THR C 238 7.20 -19.98 -18.64
C THR C 238 6.06 -20.61 -17.84
N HIS C 239 4.89 -20.84 -18.46
CA HIS C 239 3.74 -21.55 -17.84
C HIS C 239 4.19 -22.91 -17.34
N ASP C 240 4.96 -23.64 -18.16
CA ASP C 240 5.47 -25.00 -17.84
C ASP C 240 6.39 -24.94 -16.61
N SER C 241 7.36 -24.02 -16.59
CA SER C 241 8.38 -23.93 -15.52
C SER C 241 7.75 -23.40 -14.22
N LEU C 242 6.77 -22.51 -14.31
CA LEU C 242 6.02 -21.97 -13.14
C LEU C 242 5.32 -23.12 -12.43
N LEU C 243 4.67 -24.00 -13.21
CA LEU C 243 3.93 -25.19 -12.73
C LEU C 243 4.89 -26.17 -12.06
N GLU C 244 6.04 -26.45 -12.69
CA GLU C 244 7.09 -27.34 -12.11
C GLU C 244 7.59 -26.78 -10.79
N ALA C 245 7.81 -25.46 -10.73
CA ALA C 245 8.31 -24.76 -9.52
C ALA C 245 7.27 -24.93 -8.41
N GLY C 246 5.99 -24.75 -8.73
CA GLY C 246 4.86 -24.97 -7.81
C GLY C 246 4.87 -26.39 -7.26
N GLN C 247 5.01 -27.41 -8.11
CA GLN C 247 5.00 -28.84 -7.69
CA GLN C 247 5.00 -28.84 -7.69
C GLN C 247 6.21 -29.10 -6.80
N PHE C 248 7.36 -28.50 -7.13
CA PHE C 248 8.64 -28.65 -6.41
C PHE C 248 8.52 -28.14 -4.96
N ILE C 249 8.00 -26.92 -4.78
CA ILE C 249 7.80 -26.28 -3.45
C ILE C 249 6.73 -27.08 -2.69
N ALA C 250 5.63 -27.46 -3.33
CA ALA C 250 4.51 -28.21 -2.71
C ALA C 250 5.04 -29.53 -2.13
N THR C 251 5.87 -30.25 -2.89
CA THR C 251 6.48 -31.55 -2.47
C THR C 251 7.34 -31.34 -1.22
N LEU C 252 8.21 -30.34 -1.23
CA LEU C 252 9.11 -30.03 -0.06
C LEU C 252 8.24 -29.65 1.15
N GLU C 253 7.29 -28.74 0.99
CA GLU C 253 6.53 -28.14 2.12
C GLU C 253 5.61 -29.21 2.74
N ASN C 254 4.95 -30.03 1.92
CA ASN C 254 4.00 -31.07 2.41
C ASN C 254 4.79 -32.23 3.02
N ARG C 255 6.02 -32.48 2.58
CA ARG C 255 6.94 -33.47 3.19
C ARG C 255 7.36 -32.98 4.59
N GLN C 256 7.81 -31.74 4.69
CA GLN C 256 8.54 -31.19 5.86
C GLN C 256 7.58 -30.67 6.94
N GLY C 257 6.42 -30.14 6.54
CA GLY C 257 5.62 -29.26 7.41
C GLY C 257 6.38 -27.99 7.73
N LEU C 258 7.29 -27.60 6.83
CA LEU C 258 8.08 -26.35 6.90
C LEU C 258 7.91 -25.65 5.56
N LYS C 259 7.93 -24.32 5.56
CA LYS C 259 7.74 -23.52 4.34
C LYS C 259 9.12 -23.14 3.78
N VAL C 260 9.18 -23.00 2.46
CA VAL C 260 10.33 -22.37 1.75
C VAL C 260 9.94 -20.92 1.47
N ALA C 261 10.78 -19.97 1.88
CA ALA C 261 10.71 -18.53 1.53
C ALA C 261 9.42 -17.92 2.12
N CYS C 262 9.13 -18.25 3.37
CA CYS C 262 8.15 -17.56 4.24
C CYS C 262 8.84 -16.35 4.86
N PRO C 263 8.61 -15.12 4.36
CA PRO C 263 9.34 -13.95 4.84
C PRO C 263 9.16 -13.67 6.35
N GLU C 264 7.95 -13.88 6.88
CA GLU C 264 7.66 -13.70 8.33
C GLU C 264 8.59 -14.60 9.17
N GLU C 265 8.71 -15.87 8.76
CA GLU C 265 9.59 -16.85 9.43
C GLU C 265 11.04 -16.38 9.38
N ILE C 266 11.52 -15.97 8.20
CA ILE C 266 12.95 -15.58 8.01
C ILE C 266 13.24 -14.34 8.88
N ALA C 267 12.33 -13.36 8.89
CA ALA C 267 12.47 -12.12 9.70
C ALA C 267 12.57 -12.50 11.19
N TYR C 268 11.71 -13.40 11.65
CA TYR C 268 11.66 -13.88 13.05
C TYR C 268 12.98 -14.58 13.43
N ARG C 269 13.46 -15.47 12.55
CA ARG C 269 14.69 -16.26 12.81
C ARG C 269 15.93 -15.37 12.72
N GLN C 270 15.89 -14.29 11.92
CA GLN C 270 16.99 -13.29 11.84
C GLN C 270 16.89 -12.33 13.04
N LYS C 271 15.81 -12.42 13.82
CA LYS C 271 15.52 -11.57 15.01
C LYS C 271 15.29 -10.13 14.56
N TRP C 272 14.74 -9.94 13.36
CA TRP C 272 14.35 -8.62 12.79
C TRP C 272 12.95 -8.26 13.30
N ILE C 273 12.20 -9.26 13.73
CA ILE C 273 10.91 -9.09 14.47
C ILE C 273 10.95 -10.08 15.64
N ASP C 274 10.20 -9.83 16.70
CA ASP C 274 10.16 -10.67 17.92
C ASP C 274 8.87 -11.49 17.92
N ALA C 275 8.69 -12.33 18.95
CA ALA C 275 7.52 -13.23 19.12
C ALA C 275 6.23 -12.41 19.05
N ALA C 276 6.17 -11.25 19.71
CA ALA C 276 4.98 -10.39 19.80
C ALA C 276 4.59 -9.90 18.40
N GLN C 277 5.56 -9.44 17.61
CA GLN C 277 5.32 -8.94 16.23
C GLN C 277 4.82 -10.10 15.36
N LEU C 278 5.45 -11.28 15.45
CA LEU C 278 5.06 -12.47 14.65
C LEU C 278 3.62 -12.86 14.99
N GLU C 279 3.27 -12.86 16.27
CA GLU C 279 1.90 -13.21 16.75
C GLU C 279 0.89 -12.26 16.11
N LYS C 280 1.19 -10.96 16.07
CA LYS C 280 0.33 -9.91 15.44
C LYS C 280 0.16 -10.23 13.95
N LEU C 281 1.22 -10.65 13.24
CA LEU C 281 1.17 -11.00 11.80
C LEU C 281 0.30 -12.25 11.58
N ALA C 282 0.33 -13.19 12.53
CA ALA C 282 -0.43 -14.46 12.47
C ALA C 282 -1.94 -14.19 12.58
N ALA C 283 -2.33 -13.26 13.45
CA ALA C 283 -3.73 -12.97 13.83
C ALA C 283 -4.64 -12.92 12.60
N PRO C 284 -4.43 -12.01 11.62
CA PRO C 284 -5.34 -11.90 10.49
C PRO C 284 -5.32 -13.08 9.50
N LEU C 285 -4.37 -14.02 9.66
CA LEU C 285 -4.21 -15.21 8.79
C LEU C 285 -4.58 -16.48 9.57
N ALA C 286 -5.06 -16.34 10.81
CA ALA C 286 -5.24 -17.43 11.81
C ALA C 286 -6.20 -18.52 11.28
N LYS C 287 -7.07 -18.18 10.34
CA LYS C 287 -8.12 -19.09 9.78
C LYS C 287 -7.49 -20.09 8.80
N ASN C 288 -6.41 -19.72 8.11
CA ASN C 288 -5.79 -20.57 7.04
C ASN C 288 -4.49 -21.20 7.56
N GLY C 289 -3.90 -22.09 6.77
CA GLY C 289 -2.68 -22.86 7.10
C GLY C 289 -1.47 -21.95 7.27
N TYR C 290 -1.42 -20.82 6.56
CA TYR C 290 -0.24 -19.90 6.58
C TYR C 290 -0.15 -19.23 7.96
N GLY C 291 -1.26 -18.67 8.45
CA GLY C 291 -1.38 -18.09 9.79
C GLY C 291 -1.13 -19.12 10.87
N GLN C 292 -1.69 -20.33 10.73
CA GLN C 292 -1.49 -21.44 11.69
C GLN C 292 -0.01 -21.82 11.70
N TYR C 293 0.67 -21.79 10.55
CA TYR C 293 2.13 -22.06 10.43
C TYR C 293 2.90 -21.03 11.24
N LEU C 294 2.58 -19.74 11.09
CA LEU C 294 3.27 -18.64 11.83
C LEU C 294 3.06 -18.81 13.34
N LYS C 295 1.86 -19.22 13.77
CA LYS C 295 1.54 -19.48 15.21
C LYS C 295 2.43 -20.63 15.71
N ARG C 296 2.48 -21.76 14.97
CA ARG C 296 3.31 -22.93 15.36
C ARG C 296 4.78 -22.51 15.54
N LEU C 297 5.29 -21.55 14.77
CA LEU C 297 6.70 -21.09 14.82
C LEU C 297 7.03 -20.51 16.21
N LEU C 298 6.05 -19.97 16.92
CA LEU C 298 6.26 -19.29 18.23
C LEU C 298 6.63 -20.32 19.32
N THR C 299 6.17 -21.56 19.19
CA THR C 299 6.24 -22.61 20.24
C THR C 299 7.21 -23.75 19.87
N GLU C 300 7.46 -24.00 18.57
CA GLU C 300 8.25 -25.17 18.10
C GLU C 300 9.73 -24.79 17.95
N THR C 301 10.63 -25.68 18.39
CA THR C 301 12.09 -25.62 18.09
C THR C 301 12.32 -26.29 16.73
N VAL C 302 12.85 -25.53 15.77
CA VAL C 302 13.23 -26.02 14.41
C VAL C 302 14.73 -25.81 14.23
N TYR C 303 15.47 -26.90 14.03
CA TYR C 303 16.94 -26.91 13.83
C TYR C 303 17.26 -26.58 12.37
N LYS D 12 -34.59 -17.61 -24.10
CA LYS D 12 -33.34 -16.85 -23.71
C LYS D 12 -32.91 -17.25 -22.30
N ARG D 13 -31.67 -17.74 -22.17
CA ARG D 13 -31.09 -18.06 -20.84
C ARG D 13 -29.89 -17.14 -20.58
N LYS D 14 -29.89 -16.50 -19.41
CA LYS D 14 -28.81 -15.58 -18.97
C LYS D 14 -27.89 -16.34 -18.01
N GLY D 15 -26.61 -15.95 -18.00
CA GLY D 15 -25.56 -16.61 -17.19
C GLY D 15 -25.15 -15.77 -16.00
N ILE D 16 -24.85 -16.41 -14.88
CA ILE D 16 -24.17 -15.77 -13.71
C ILE D 16 -22.92 -16.59 -13.40
N ILE D 17 -21.77 -15.91 -13.27
CA ILE D 17 -20.53 -16.47 -12.65
C ILE D 17 -20.40 -15.88 -11.25
N LEU D 18 -20.49 -16.72 -10.22
CA LEU D 18 -20.21 -16.33 -8.83
C LEU D 18 -18.71 -16.50 -8.60
N ALA D 19 -17.96 -15.40 -8.62
CA ALA D 19 -16.51 -15.31 -8.30
C ALA D 19 -16.43 -14.73 -6.88
N GLY D 20 -17.02 -15.49 -5.95
CA GLY D 20 -17.22 -15.13 -4.53
C GLY D 20 -15.92 -15.16 -3.77
N GLY D 21 -15.82 -14.38 -2.69
CA GLY D 21 -14.57 -14.19 -1.93
C GLY D 21 -14.20 -15.43 -1.16
N SER D 22 -12.90 -15.74 -1.09
CA SER D 22 -12.36 -16.93 -0.37
C SER D 22 -11.75 -16.47 0.96
N GLY D 23 -12.10 -15.26 1.44
CA GLY D 23 -11.48 -14.65 2.63
C GLY D 23 -9.97 -14.75 2.59
N THR D 24 -9.36 -15.39 3.60
CA THR D 24 -7.90 -15.53 3.80
C THR D 24 -7.42 -16.95 3.47
N ARG D 25 -8.29 -17.80 2.92
CA ARG D 25 -8.03 -19.25 2.70
C ARG D 25 -6.81 -19.43 1.80
N LEU D 26 -6.66 -18.62 0.74
CA LEU D 26 -5.56 -18.75 -0.26
C LEU D 26 -4.48 -17.68 -0.05
N HIS D 27 -4.47 -16.99 1.09
CA HIS D 27 -3.40 -16.01 1.46
C HIS D 27 -2.10 -16.78 1.66
N PRO D 28 -0.92 -16.20 1.33
CA PRO D 28 -0.82 -14.83 0.80
C PRO D 28 -0.94 -14.69 -0.73
N ALA D 29 -1.16 -15.78 -1.46
CA ALA D 29 -1.31 -15.76 -2.95
C ALA D 29 -2.36 -14.71 -3.34
N THR D 30 -3.47 -14.66 -2.61
CA THR D 30 -4.65 -13.81 -2.91
C THR D 30 -4.62 -12.49 -2.13
N LEU D 31 -3.52 -12.16 -1.43
CA LEU D 31 -3.17 -10.75 -1.10
C LEU D 31 -2.73 -10.06 -2.39
N ALA D 32 -2.03 -10.76 -3.28
CA ALA D 32 -1.44 -10.23 -4.53
C ALA D 32 -2.48 -10.13 -5.63
N ILE D 33 -3.43 -11.07 -5.71
CA ILE D 33 -4.38 -11.20 -6.87
C ILE D 33 -5.71 -11.76 -6.37
N SER D 34 -6.81 -11.40 -7.05
CA SER D 34 -8.15 -12.01 -6.91
C SER D 34 -8.08 -13.52 -7.17
N LYS D 35 -8.70 -14.37 -6.36
CA LYS D 35 -8.58 -15.85 -6.49
C LYS D 35 -8.89 -16.25 -7.94
N GLN D 36 -9.98 -15.73 -8.52
CA GLN D 36 -10.52 -16.23 -9.81
C GLN D 36 -9.72 -15.60 -10.96
N LEU D 37 -8.71 -14.79 -10.68
CA LEU D 37 -7.73 -14.30 -11.69
C LEU D 37 -6.40 -15.05 -11.53
N LEU D 38 -6.24 -15.94 -10.54
CA LEU D 38 -5.07 -16.84 -10.45
C LEU D 38 -5.08 -17.75 -11.68
N PRO D 39 -3.92 -18.02 -12.31
CA PRO D 39 -3.91 -18.87 -13.50
C PRO D 39 -4.13 -20.36 -13.16
N VAL D 40 -4.84 -21.04 -14.04
CA VAL D 40 -4.82 -22.53 -14.15
C VAL D 40 -4.04 -22.82 -15.44
N TYR D 41 -2.79 -23.23 -15.27
CA TYR D 41 -1.76 -23.33 -16.33
C TYR D 41 -1.55 -21.95 -16.96
N ASP D 42 -2.19 -21.68 -18.10
CA ASP D 42 -1.82 -20.56 -19.01
C ASP D 42 -2.88 -19.46 -19.03
N LYS D 43 -4.00 -19.59 -18.29
CA LYS D 43 -5.10 -18.61 -18.39
C LYS D 43 -5.78 -18.42 -17.03
N PRO D 44 -6.37 -17.23 -16.78
CA PRO D 44 -7.04 -16.96 -15.51
C PRO D 44 -8.15 -17.99 -15.24
N MET D 45 -8.27 -18.40 -13.99
CA MET D 45 -9.29 -19.36 -13.50
C MET D 45 -10.67 -19.06 -14.12
N ILE D 46 -11.07 -17.79 -14.19
CA ILE D 46 -12.46 -17.41 -14.56
C ILE D 46 -12.72 -17.75 -16.03
N TYR D 47 -11.67 -17.89 -16.85
CA TYR D 47 -11.79 -18.28 -18.28
C TYR D 47 -12.51 -19.63 -18.40
N TYR D 48 -12.37 -20.50 -17.41
CA TYR D 48 -12.90 -21.89 -17.46
C TYR D 48 -14.43 -21.87 -17.29
N PRO D 49 -15.00 -21.32 -16.19
CA PRO D 49 -16.46 -21.21 -16.07
C PRO D 49 -17.09 -20.30 -17.14
N LEU D 50 -16.40 -19.21 -17.53
CA LEU D 50 -16.87 -18.35 -18.63
C LEU D 50 -17.05 -19.21 -19.88
N SER D 51 -16.03 -20.01 -20.20
CA SER D 51 -16.00 -20.89 -21.41
C SER D 51 -17.13 -21.91 -21.33
N THR D 52 -17.45 -22.37 -20.13
CA THR D 52 -18.56 -23.32 -19.83
C THR D 52 -19.89 -22.68 -20.24
N LEU D 53 -20.15 -21.46 -19.77
CA LEU D 53 -21.41 -20.74 -20.09
C LEU D 53 -21.48 -20.52 -21.60
N MET D 54 -20.36 -20.15 -22.21
CA MET D 54 -20.27 -19.90 -23.67
C MET D 54 -20.61 -21.19 -24.43
N LEU D 55 -20.14 -22.34 -23.96
CA LEU D 55 -20.40 -23.64 -24.64
C LEU D 55 -21.89 -23.99 -24.52
N ALA D 56 -22.55 -23.54 -23.45
CA ALA D 56 -24.01 -23.72 -23.23
C ALA D 56 -24.80 -22.75 -24.11
N GLY D 57 -24.13 -21.89 -24.88
CA GLY D 57 -24.73 -20.93 -25.82
C GLY D 57 -25.15 -19.64 -25.14
N ILE D 58 -24.67 -19.37 -23.93
CA ILE D 58 -25.05 -18.17 -23.12
C ILE D 58 -24.05 -17.04 -23.41
N ARG D 59 -24.56 -15.87 -23.82
CA ARG D 59 -23.74 -14.70 -24.24
C ARG D 59 -23.93 -13.53 -23.27
N GLU D 60 -25.03 -13.52 -22.52
CA GLU D 60 -25.40 -12.45 -21.57
C GLU D 60 -25.10 -12.98 -20.16
N ILE D 61 -24.06 -12.44 -19.53
CA ILE D 61 -23.44 -13.05 -18.31
C ILE D 61 -23.19 -11.95 -17.27
N LEU D 62 -23.72 -12.17 -16.05
CA LEU D 62 -23.44 -11.34 -14.86
C LEU D 62 -22.28 -11.97 -14.08
N ILE D 63 -21.23 -11.20 -13.82
CA ILE D 63 -20.09 -11.61 -12.94
C ILE D 63 -20.28 -10.96 -11.57
N ILE D 64 -20.51 -11.79 -10.55
CA ILE D 64 -20.62 -11.37 -9.12
C ILE D 64 -19.29 -11.65 -8.43
N SER D 65 -18.69 -10.63 -7.82
CA SER D 65 -17.47 -10.78 -6.98
C SER D 65 -17.55 -9.86 -5.77
N THR D 66 -16.51 -9.86 -4.93
CA THR D 66 -16.35 -8.97 -3.75
C THR D 66 -16.23 -7.53 -4.24
N PRO D 67 -16.50 -6.52 -3.38
CA PRO D 67 -16.27 -5.12 -3.76
C PRO D 67 -14.85 -4.90 -4.30
N GLN D 68 -13.85 -5.55 -3.69
CA GLN D 68 -12.42 -5.38 -4.06
C GLN D 68 -12.14 -5.99 -5.45
N ASP D 69 -12.78 -7.10 -5.79
CA ASP D 69 -12.34 -7.93 -6.95
C ASP D 69 -13.17 -7.61 -8.19
N THR D 70 -14.42 -7.20 -8.04
CA THR D 70 -15.35 -6.96 -9.19
C THR D 70 -14.68 -5.98 -10.16
N PRO D 71 -14.14 -4.83 -9.69
CA PRO D 71 -13.44 -3.90 -10.57
C PRO D 71 -12.26 -4.51 -11.33
N ARG D 72 -11.56 -5.48 -10.74
CA ARG D 72 -10.40 -6.17 -11.35
C ARG D 72 -10.89 -7.07 -12.50
N PHE D 73 -11.99 -7.81 -12.29
CA PHE D 73 -12.66 -8.61 -13.36
C PHE D 73 -13.10 -7.68 -14.49
N GLN D 74 -13.66 -6.52 -14.13
CA GLN D 74 -14.19 -5.52 -15.10
C GLN D 74 -13.06 -4.93 -15.93
N GLN D 75 -11.92 -4.65 -15.27
CA GLN D 75 -10.70 -4.10 -15.91
C GLN D 75 -10.13 -5.14 -16.88
N LEU D 76 -10.16 -6.42 -16.51
CA LEU D 76 -9.65 -7.52 -17.38
C LEU D 76 -10.57 -7.70 -18.60
N LEU D 77 -11.88 -7.84 -18.38
CA LEU D 77 -12.82 -8.44 -19.37
C LEU D 77 -13.71 -7.38 -20.04
N GLY D 78 -13.87 -6.19 -19.43
CA GLY D 78 -14.76 -5.14 -19.95
C GLY D 78 -16.18 -5.64 -20.13
N ASP D 79 -16.85 -5.23 -21.21
CA ASP D 79 -18.29 -5.52 -21.47
C ASP D 79 -18.42 -6.81 -22.29
N GLY D 80 -17.33 -7.45 -22.70
CA GLY D 80 -17.34 -8.75 -23.40
C GLY D 80 -17.51 -8.62 -24.91
N SER D 81 -17.75 -7.41 -25.39
CA SER D 81 -18.09 -7.10 -26.82
C SER D 81 -17.00 -7.61 -27.76
N ASN D 82 -15.74 -7.64 -27.32
CA ASN D 82 -14.60 -8.13 -28.16
C ASN D 82 -14.71 -9.64 -28.38
N TRP D 83 -15.48 -10.36 -27.55
CA TRP D 83 -15.69 -11.83 -27.68
C TRP D 83 -17.14 -12.14 -28.06
N GLY D 84 -17.92 -11.14 -28.49
CA GLY D 84 -19.33 -11.31 -28.85
C GLY D 84 -20.20 -11.62 -27.65
N LEU D 85 -19.77 -11.19 -26.45
CA LEU D 85 -20.53 -11.38 -25.19
C LEU D 85 -21.08 -10.03 -24.74
N ASP D 86 -22.07 -10.07 -23.85
CA ASP D 86 -22.57 -8.91 -23.07
C ASP D 86 -22.32 -9.22 -21.59
N LEU D 87 -21.21 -8.70 -21.04
CA LEU D 87 -20.81 -8.92 -19.64
C LEU D 87 -21.29 -7.74 -18.79
N GLN D 88 -22.00 -8.02 -17.70
CA GLN D 88 -22.37 -7.05 -16.65
C GLN D 88 -21.75 -7.50 -15.31
N TYR D 89 -21.66 -6.60 -14.34
CA TYR D 89 -20.94 -6.83 -13.06
C TYR D 89 -21.83 -6.41 -11.89
N ALA D 90 -21.78 -7.19 -10.81
CA ALA D 90 -22.44 -6.89 -9.52
C ALA D 90 -21.51 -7.31 -8.38
N VAL D 91 -21.66 -6.72 -7.20
CA VAL D 91 -20.80 -7.01 -6.02
C VAL D 91 -21.62 -7.80 -4.99
N GLN D 92 -20.96 -8.72 -4.29
CA GLN D 92 -21.46 -9.40 -3.07
C GLN D 92 -20.74 -8.78 -1.89
N PRO D 93 -21.39 -7.82 -1.18
CA PRO D 93 -20.75 -7.09 -0.09
C PRO D 93 -20.09 -8.03 0.95
N SER D 94 -20.75 -9.12 1.29
CA SER D 94 -20.30 -10.16 2.24
C SER D 94 -20.69 -11.54 1.72
N PRO D 95 -19.80 -12.56 1.80
CA PRO D 95 -20.14 -13.91 1.34
C PRO D 95 -21.11 -14.61 2.29
N ASP D 96 -22.41 -14.34 2.14
CA ASP D 96 -23.52 -14.85 2.99
C ASP D 96 -24.28 -15.94 2.21
N GLY D 97 -23.55 -16.78 1.46
CA GLY D 97 -24.10 -17.93 0.74
C GLY D 97 -24.24 -17.68 -0.75
N LEU D 98 -24.21 -18.76 -1.53
CA LEU D 98 -24.22 -18.76 -3.02
C LEU D 98 -25.59 -18.30 -3.54
N ALA D 99 -26.68 -18.59 -2.80
CA ALA D 99 -28.09 -18.31 -3.19
C ALA D 99 -28.33 -16.80 -3.27
N GLN D 100 -27.53 -16.01 -2.56
CA GLN D 100 -27.61 -14.52 -2.58
C GLN D 100 -27.40 -14.00 -4.02
N ALA D 101 -26.74 -14.80 -4.88
CA ALA D 101 -26.49 -14.49 -6.30
C ALA D 101 -27.80 -14.11 -7.00
N PHE D 102 -28.92 -14.71 -6.61
CA PHE D 102 -30.24 -14.56 -7.28
C PHE D 102 -30.93 -13.26 -6.83
N LEU D 103 -30.61 -12.76 -5.64
CA LEU D 103 -31.12 -11.46 -5.12
C LEU D 103 -30.32 -10.33 -5.76
N ILE D 104 -28.98 -10.42 -5.68
CA ILE D 104 -28.04 -9.47 -6.35
C ILE D 104 -28.36 -9.45 -7.85
N GLY D 105 -28.60 -10.62 -8.45
CA GLY D 105 -28.78 -10.79 -9.90
C GLY D 105 -30.23 -10.61 -10.33
N GLU D 106 -31.13 -10.30 -9.40
CA GLU D 106 -32.60 -10.26 -9.64
C GLU D 106 -32.93 -9.42 -10.88
N SER D 107 -32.46 -8.17 -10.93
CA SER D 107 -32.78 -7.21 -12.03
C SER D 107 -32.15 -7.69 -13.34
N PHE D 108 -30.93 -8.25 -13.28
CA PHE D 108 -30.21 -8.80 -14.46
C PHE D 108 -31.01 -9.97 -15.05
N ILE D 109 -31.51 -10.87 -14.19
CA ILE D 109 -32.28 -12.09 -14.60
C ILE D 109 -33.61 -11.65 -15.23
N GLY D 110 -34.32 -10.70 -14.59
CA GLY D 110 -35.67 -10.28 -15.00
C GLY D 110 -36.62 -11.45 -15.04
N ASN D 111 -37.26 -11.67 -16.19
CA ASN D 111 -38.30 -12.73 -16.40
C ASN D 111 -37.70 -13.89 -17.22
N ASP D 112 -36.37 -13.96 -17.33
CA ASP D 112 -35.68 -14.94 -18.20
C ASP D 112 -35.26 -16.16 -17.40
N LEU D 113 -34.90 -17.23 -18.12
CA LEU D 113 -34.20 -18.43 -17.60
C LEU D 113 -32.77 -18.02 -17.23
N SER D 114 -32.12 -18.75 -16.33
CA SER D 114 -30.76 -18.45 -15.84
C SER D 114 -29.92 -19.74 -15.72
N ALA D 115 -28.59 -19.57 -15.73
CA ALA D 115 -27.60 -20.60 -15.38
C ALA D 115 -26.56 -19.98 -14.44
N LEU D 116 -26.34 -20.60 -13.28
CA LEU D 116 -25.29 -20.21 -12.32
C LEU D 116 -24.11 -21.19 -12.44
N VAL D 117 -22.89 -20.67 -12.59
CA VAL D 117 -21.63 -21.46 -12.51
C VAL D 117 -20.73 -20.83 -11.43
N LEU D 118 -20.04 -21.67 -10.66
CA LEU D 118 -19.03 -21.20 -9.68
C LEU D 118 -17.75 -20.84 -10.44
N GLY D 119 -17.11 -19.74 -10.03
CA GLY D 119 -15.94 -19.14 -10.70
C GLY D 119 -14.68 -20.00 -10.59
N ASP D 120 -14.70 -21.05 -9.77
CA ASP D 120 -13.50 -21.91 -9.54
C ASP D 120 -13.78 -23.36 -9.96
N ASN D 121 -14.82 -23.58 -10.77
CA ASN D 121 -15.20 -24.92 -11.27
C ASN D 121 -14.72 -25.08 -12.72
N LEU D 122 -14.05 -26.21 -12.96
CA LEU D 122 -13.44 -26.60 -14.25
CA LEU D 122 -13.42 -26.62 -14.24
C LEU D 122 -14.10 -27.90 -14.73
N TYR D 123 -14.55 -27.91 -15.98
CA TYR D 123 -15.19 -29.07 -16.65
C TYR D 123 -14.43 -29.38 -17.94
N TYR D 124 -14.34 -30.67 -18.28
CA TYR D 124 -13.72 -31.15 -19.53
C TYR D 124 -14.38 -32.46 -19.95
N GLY D 125 -14.64 -32.63 -21.25
CA GLY D 125 -14.98 -33.97 -21.79
C GLY D 125 -15.74 -33.93 -23.09
N HIS D 126 -15.95 -35.12 -23.65
CA HIS D 126 -16.63 -35.35 -24.94
C HIS D 126 -18.15 -35.17 -24.74
N ASP D 127 -18.80 -34.47 -25.67
CA ASP D 127 -20.25 -34.18 -25.67
C ASP D 127 -20.64 -33.36 -24.42
N PHE D 128 -19.72 -32.59 -23.85
CA PHE D 128 -20.04 -31.63 -22.77
C PHE D 128 -21.10 -30.64 -23.27
N HIS D 129 -20.97 -30.18 -24.52
CA HIS D 129 -21.94 -29.27 -25.20
C HIS D 129 -23.35 -29.88 -25.18
N GLU D 130 -23.47 -31.20 -25.35
CA GLU D 130 -24.77 -31.93 -25.35
C GLU D 130 -25.32 -32.02 -23.93
N LEU D 131 -24.46 -32.26 -22.94
CA LEU D 131 -24.84 -32.33 -21.51
C LEU D 131 -25.39 -30.95 -21.09
N LEU D 132 -24.74 -29.86 -21.52
CA LEU D 132 -25.18 -28.46 -21.28
C LEU D 132 -26.49 -28.20 -22.05
N GLY D 133 -26.54 -28.60 -23.32
CA GLY D 133 -27.69 -28.46 -24.23
C GLY D 133 -28.98 -29.04 -23.64
N SER D 134 -28.92 -30.24 -23.06
CA SER D 134 -30.10 -30.95 -22.49
C SER D 134 -30.67 -30.16 -21.30
N ALA D 135 -29.81 -29.64 -20.42
CA ALA D 135 -30.21 -28.81 -19.26
C ALA D 135 -30.79 -27.47 -19.75
N SER D 136 -30.17 -26.86 -20.76
CA SER D 136 -30.50 -25.50 -21.26
C SER D 136 -31.85 -25.49 -22.00
N GLN D 137 -32.22 -26.61 -22.63
CA GLN D 137 -33.47 -26.77 -23.43
C GLN D 137 -34.68 -26.98 -22.50
N ARG D 138 -34.49 -27.59 -21.32
CA ARG D 138 -35.57 -27.76 -20.30
C ARG D 138 -35.95 -26.40 -19.74
N GLN D 139 -37.06 -25.84 -20.20
CA GLN D 139 -37.46 -24.43 -19.95
C GLN D 139 -38.36 -24.31 -18.70
N THR D 140 -38.61 -25.42 -17.99
CA THR D 140 -39.29 -25.40 -16.67
C THR D 140 -38.47 -26.21 -15.66
N GLY D 141 -38.57 -25.84 -14.37
CA GLY D 141 -37.83 -26.49 -13.28
C GLY D 141 -36.35 -26.16 -13.31
N ALA D 142 -35.56 -26.94 -12.58
CA ALA D 142 -34.10 -26.78 -12.41
C ALA D 142 -33.38 -28.04 -12.87
N SER D 143 -32.19 -27.87 -13.45
CA SER D 143 -31.27 -28.96 -13.84
C SER D 143 -29.93 -28.79 -13.13
N VAL D 144 -29.45 -29.84 -12.46
CA VAL D 144 -28.10 -29.93 -11.85
C VAL D 144 -27.44 -31.22 -12.33
N PHE D 145 -26.14 -31.37 -12.04
CA PHE D 145 -25.32 -32.53 -12.45
C PHE D 145 -24.72 -33.18 -11.20
N ALA D 146 -24.77 -34.50 -11.15
CA ALA D 146 -24.23 -35.35 -10.07
C ALA D 146 -22.99 -36.08 -10.61
N TYR D 147 -21.90 -36.01 -9.85
CA TYR D 147 -20.56 -36.54 -10.22
C TYR D 147 -20.02 -37.33 -9.04
N HIS D 148 -19.61 -38.57 -9.28
CA HIS D 148 -18.99 -39.45 -8.27
C HIS D 148 -17.66 -38.83 -7.83
N VAL D 149 -17.51 -38.58 -6.52
CA VAL D 149 -16.27 -38.01 -5.91
C VAL D 149 -15.85 -38.89 -4.73
N LEU D 150 -14.59 -38.78 -4.34
CA LEU D 150 -13.99 -39.50 -3.18
C LEU D 150 -14.50 -38.89 -1.87
N ASP D 151 -14.76 -37.58 -1.85
CA ASP D 151 -14.97 -36.79 -0.60
C ASP D 151 -16.32 -36.08 -0.70
N PRO D 152 -17.44 -36.83 -0.78
CA PRO D 152 -18.76 -36.20 -0.97
C PRO D 152 -19.14 -35.23 0.16
N GLU D 153 -18.60 -35.43 1.36
CA GLU D 153 -18.88 -34.62 2.58
C GLU D 153 -18.47 -33.15 2.37
N ARG D 154 -17.66 -32.84 1.34
CA ARG D 154 -17.23 -31.45 1.02
C ARG D 154 -18.31 -30.74 0.20
N TYR D 155 -19.34 -31.43 -0.29
CA TYR D 155 -20.27 -30.91 -1.31
C TYR D 155 -21.74 -31.09 -0.90
N GLY D 156 -22.64 -30.56 -1.73
CA GLY D 156 -24.05 -31.01 -1.81
C GLY D 156 -24.11 -32.43 -2.32
N VAL D 157 -24.74 -33.33 -1.57
CA VAL D 157 -24.80 -34.79 -1.89
C VAL D 157 -26.22 -35.16 -2.29
N VAL D 158 -26.37 -35.87 -3.41
CA VAL D 158 -27.64 -36.43 -3.93
C VAL D 158 -27.74 -37.88 -3.47
N GLU D 159 -28.89 -38.26 -2.90
CA GLU D 159 -29.28 -39.66 -2.61
C GLU D 159 -30.27 -40.10 -3.69
N PHE D 160 -30.09 -41.29 -4.24
CA PHE D 160 -30.99 -41.90 -5.25
C PHE D 160 -31.68 -43.12 -4.63
N ASP D 161 -32.91 -43.39 -5.06
CA ASP D 161 -33.66 -44.64 -4.70
C ASP D 161 -33.19 -45.77 -5.64
N GLN D 162 -33.64 -47.01 -5.38
CA GLN D 162 -33.26 -48.22 -6.15
C GLN D 162 -33.49 -47.98 -7.65
N GLY D 163 -34.46 -47.12 -8.01
CA GLY D 163 -34.82 -46.81 -9.41
C GLY D 163 -34.00 -45.69 -10.03
N GLY D 164 -33.07 -45.09 -9.28
CA GLY D 164 -32.19 -44.02 -9.76
C GLY D 164 -32.87 -42.65 -9.79
N LYS D 165 -33.95 -42.49 -9.03
CA LYS D 165 -34.65 -41.19 -8.83
C LYS D 165 -33.99 -40.47 -7.63
N ALA D 166 -33.75 -39.16 -7.76
CA ALA D 166 -33.18 -38.31 -6.69
C ALA D 166 -34.25 -38.08 -5.62
N ILE D 167 -33.95 -38.40 -4.36
CA ILE D 167 -34.93 -38.38 -3.24
C ILE D 167 -34.49 -37.47 -2.09
N SER D 168 -33.20 -37.13 -1.98
CA SER D 168 -32.71 -36.15 -0.96
C SER D 168 -31.47 -35.41 -1.44
N LEU D 169 -31.27 -34.18 -0.93
CA LEU D 169 -30.06 -33.34 -1.07
C LEU D 169 -29.60 -32.92 0.33
N GLU D 170 -28.33 -33.11 0.66
CA GLU D 170 -27.74 -32.65 1.95
C GLU D 170 -26.49 -31.83 1.64
N GLU D 171 -26.34 -30.68 2.32
CA GLU D 171 -25.16 -29.78 2.17
C GLU D 171 -24.07 -30.25 3.14
N LYS D 172 -22.93 -30.70 2.60
CA LYS D 172 -21.73 -31.11 3.38
C LYS D 172 -22.14 -32.03 4.54
N PRO D 173 -22.83 -33.15 4.28
CA PRO D 173 -23.27 -34.05 5.35
C PRO D 173 -22.08 -34.77 5.98
N LEU D 174 -22.11 -34.90 7.32
CA LEU D 174 -21.11 -35.66 8.11
C LEU D 174 -21.18 -37.14 7.72
N GLU D 175 -22.33 -37.62 7.27
CA GLU D 175 -22.57 -39.03 6.85
C GLU D 175 -23.24 -39.02 5.48
N PRO D 176 -22.45 -38.84 4.39
CA PRO D 176 -23.03 -38.77 3.04
C PRO D 176 -23.85 -40.02 2.71
N LYS D 177 -25.01 -39.84 2.07
CA LYS D 177 -25.92 -40.95 1.67
C LYS D 177 -25.39 -41.62 0.40
N SER D 178 -24.57 -40.92 -0.38
CA SER D 178 -23.92 -41.45 -1.61
C SER D 178 -22.56 -40.77 -1.83
N ASN D 179 -21.87 -41.12 -2.91
CA ASN D 179 -20.58 -40.49 -3.33
C ASN D 179 -20.87 -39.49 -4.46
N TYR D 180 -22.14 -39.11 -4.65
CA TYR D 180 -22.58 -38.24 -5.77
C TYR D 180 -22.71 -36.81 -5.27
N ALA D 181 -21.79 -35.95 -5.71
CA ALA D 181 -21.74 -34.51 -5.39
C ALA D 181 -22.45 -33.74 -6.51
N VAL D 182 -23.15 -32.66 -6.15
CA VAL D 182 -23.73 -31.70 -7.11
C VAL D 182 -22.61 -30.77 -7.58
N THR D 183 -22.38 -30.68 -8.89
CA THR D 183 -21.32 -29.82 -9.47
C THR D 183 -21.76 -28.36 -9.32
N GLY D 184 -20.84 -27.41 -9.49
CA GLY D 184 -21.10 -25.96 -9.37
C GLY D 184 -21.61 -25.38 -10.67
N LEU D 185 -22.61 -26.04 -11.26
CA LEU D 185 -23.27 -25.63 -12.53
C LEU D 185 -24.76 -25.93 -12.39
N TYR D 186 -25.60 -24.90 -12.41
CA TYR D 186 -27.04 -24.96 -12.06
C TYR D 186 -27.86 -24.23 -13.13
N PHE D 187 -28.87 -24.88 -13.70
CA PHE D 187 -29.84 -24.30 -14.65
C PHE D 187 -31.17 -24.09 -13.92
N TYR D 188 -31.80 -22.92 -14.09
CA TYR D 188 -33.02 -22.50 -13.35
C TYR D 188 -34.03 -21.86 -14.31
N ASP D 189 -35.31 -22.04 -13.98
CA ASP D 189 -36.46 -21.35 -14.65
C ASP D 189 -36.68 -20.02 -13.92
N GLN D 190 -37.85 -19.39 -14.12
CA GLN D 190 -38.19 -18.04 -13.60
C GLN D 190 -38.58 -18.11 -12.12
N GLN D 191 -38.66 -19.30 -11.52
CA GLN D 191 -39.06 -19.46 -10.09
C GLN D 191 -37.90 -19.18 -9.13
N VAL D 192 -36.64 -19.16 -9.61
CA VAL D 192 -35.44 -19.24 -8.73
C VAL D 192 -35.35 -18.00 -7.83
N VAL D 193 -35.59 -16.80 -8.38
CA VAL D 193 -35.44 -15.53 -7.63
C VAL D 193 -36.40 -15.55 -6.42
N ASP D 194 -37.66 -15.92 -6.66
CA ASP D 194 -38.73 -16.00 -5.62
C ASP D 194 -38.36 -17.07 -4.58
N ILE D 195 -37.91 -18.25 -5.02
CA ILE D 195 -37.46 -19.34 -4.11
C ILE D 195 -36.35 -18.80 -3.21
N ALA D 196 -35.40 -18.03 -3.78
CA ALA D 196 -34.24 -17.46 -3.07
C ALA D 196 -34.69 -16.43 -2.02
N ARG D 197 -35.66 -15.58 -2.37
CA ARG D 197 -36.17 -14.50 -1.48
C ARG D 197 -36.81 -15.10 -0.22
N ASP D 198 -37.37 -16.31 -0.31
CA ASP D 198 -38.09 -16.99 0.81
C ASP D 198 -37.12 -17.78 1.72
N LEU D 199 -35.84 -17.90 1.37
CA LEU D 199 -34.84 -18.65 2.17
C LEU D 199 -34.50 -17.87 3.45
N GLU D 206 -25.83 -18.58 6.23
CA GLU D 206 -25.63 -18.50 4.76
C GLU D 206 -26.91 -18.91 4.02
N LEU D 207 -27.24 -18.21 2.94
CA LEU D 207 -28.31 -18.61 1.97
C LEU D 207 -27.75 -19.73 1.07
N GLU D 208 -28.14 -20.97 1.31
CA GLU D 208 -27.53 -22.20 0.71
C GLU D 208 -28.12 -22.46 -0.68
N ILE D 209 -27.28 -22.68 -1.70
CA ILE D 209 -27.73 -23.14 -3.05
C ILE D 209 -28.45 -24.48 -2.93
N THR D 210 -28.02 -25.35 -2.02
CA THR D 210 -28.63 -26.69 -1.76
C THR D 210 -30.09 -26.52 -1.30
N ASP D 211 -30.40 -25.43 -0.58
CA ASP D 211 -31.79 -25.11 -0.14
C ASP D 211 -32.63 -24.74 -1.37
N VAL D 212 -32.07 -23.95 -2.28
CA VAL D 212 -32.70 -23.61 -3.60
C VAL D 212 -33.00 -24.90 -4.35
N ASN D 213 -32.04 -25.81 -4.41
CA ASN D 213 -32.15 -27.06 -5.21
C ASN D 213 -33.16 -28.01 -4.52
N ARG D 214 -33.18 -28.04 -3.18
CA ARG D 214 -34.13 -28.89 -2.42
C ARG D 214 -35.57 -28.38 -2.64
N ALA D 215 -35.74 -27.06 -2.74
CA ALA D 215 -37.05 -26.43 -3.03
C ALA D 215 -37.61 -26.98 -4.34
N TYR D 216 -36.79 -27.05 -5.40
CA TYR D 216 -37.18 -27.60 -6.73
C TYR D 216 -37.45 -29.10 -6.62
N LEU D 217 -36.65 -29.82 -5.82
CA LEU D 217 -36.79 -31.29 -5.63
C LEU D 217 -38.15 -31.59 -4.99
N GLU D 218 -38.50 -30.87 -3.92
CA GLU D 218 -39.78 -31.05 -3.17
C GLU D 218 -40.98 -30.74 -4.08
N ARG D 219 -40.85 -29.82 -5.05
CA ARG D 219 -41.88 -29.54 -6.08
C ARG D 219 -41.82 -30.59 -7.20
N GLY D 220 -40.92 -31.57 -7.11
CA GLY D 220 -40.64 -32.56 -8.17
C GLY D 220 -40.23 -31.89 -9.48
N GLN D 221 -39.46 -30.80 -9.42
CA GLN D 221 -39.03 -30.00 -10.60
C GLN D 221 -37.50 -29.91 -10.68
N LEU D 222 -36.78 -30.80 -9.99
CA LEU D 222 -35.30 -30.89 -10.07
C LEU D 222 -34.90 -32.07 -10.96
N SER D 223 -34.32 -31.77 -12.12
CA SER D 223 -33.61 -32.74 -13.00
C SER D 223 -32.19 -32.92 -12.47
N VAL D 224 -31.80 -34.14 -12.11
CA VAL D 224 -30.42 -34.53 -11.70
C VAL D 224 -29.88 -35.46 -12.78
N GLU D 225 -29.06 -34.93 -13.68
CA GLU D 225 -28.37 -35.72 -14.74
C GLU D 225 -27.03 -36.18 -14.18
N ILE D 226 -26.64 -37.43 -14.44
CA ILE D 226 -25.29 -37.96 -14.10
C ILE D 226 -24.28 -37.32 -15.05
N MET D 227 -23.25 -36.69 -14.50
CA MET D 227 -22.00 -36.35 -15.22
C MET D 227 -21.07 -37.55 -15.05
N GLY D 228 -20.89 -38.32 -16.13
CA GLY D 228 -20.16 -39.60 -16.12
C GLY D 228 -18.69 -39.43 -15.72
N ARG D 229 -18.06 -40.55 -15.35
CA ARG D 229 -16.63 -40.67 -15.00
C ARG D 229 -15.73 -40.29 -16.19
N GLY D 230 -16.27 -40.29 -17.41
CA GLY D 230 -15.56 -39.87 -18.63
C GLY D 230 -15.41 -38.36 -18.75
N TYR D 231 -16.08 -37.61 -17.87
CA TYR D 231 -15.89 -36.14 -17.69
C TYR D 231 -14.92 -35.89 -16.54
N ALA D 232 -14.09 -34.86 -16.68
CA ALA D 232 -13.28 -34.29 -15.58
C ALA D 232 -14.05 -33.09 -15.00
N TRP D 233 -14.48 -33.20 -13.75
CA TRP D 233 -14.95 -32.05 -12.95
C TRP D 233 -13.89 -31.78 -11.88
N LEU D 234 -13.16 -30.68 -11.98
CA LEU D 234 -12.15 -30.27 -10.97
C LEU D 234 -12.61 -28.94 -10.35
N ASP D 235 -12.34 -28.76 -9.06
CA ASP D 235 -12.41 -27.41 -8.42
C ASP D 235 -11.01 -27.00 -7.97
N THR D 236 -10.81 -25.70 -8.01
CA THR D 236 -9.51 -24.99 -7.85
C THR D 236 -9.63 -24.02 -6.67
N GLY D 237 -10.22 -24.53 -5.58
CA GLY D 237 -10.46 -23.77 -4.34
C GLY D 237 -9.28 -23.81 -3.38
N THR D 238 -8.31 -24.71 -3.55
CA THR D 238 -7.10 -24.80 -2.68
C THR D 238 -5.83 -24.69 -3.53
N HIS D 239 -4.69 -24.36 -2.91
CA HIS D 239 -3.36 -24.33 -3.57
C HIS D 239 -3.09 -25.68 -4.23
N ASP D 240 -3.36 -26.77 -3.50
CA ASP D 240 -3.14 -28.17 -3.98
C ASP D 240 -4.00 -28.45 -5.21
N SER D 241 -5.30 -28.14 -5.17
CA SER D 241 -6.25 -28.47 -6.25
C SER D 241 -5.98 -27.57 -7.47
N LEU D 242 -5.58 -26.32 -7.26
CA LEU D 242 -5.24 -25.36 -8.33
C LEU D 242 -4.06 -25.91 -9.13
N LEU D 243 -3.05 -26.41 -8.44
CA LEU D 243 -1.82 -27.01 -9.01
C LEU D 243 -2.17 -28.26 -9.82
N GLU D 244 -3.00 -29.15 -9.27
CA GLU D 244 -3.44 -30.39 -9.97
C GLU D 244 -4.19 -30.02 -11.25
N ALA D 245 -5.07 -29.01 -11.16
CA ALA D 245 -5.87 -28.53 -12.29
C ALA D 245 -4.92 -28.01 -13.38
N GLY D 246 -3.91 -27.24 -12.98
CA GLY D 246 -2.85 -26.73 -13.87
C GLY D 246 -2.14 -27.86 -14.61
N GLN D 247 -1.72 -28.91 -13.89
CA GLN D 247 -0.98 -30.06 -14.49
CA GLN D 247 -0.97 -30.05 -14.51
C GLN D 247 -1.90 -30.79 -15.47
N PHE D 248 -3.19 -30.90 -15.11
CA PHE D 248 -4.23 -31.59 -15.91
C PHE D 248 -4.43 -30.90 -17.27
N ILE D 249 -4.62 -29.58 -17.25
CA ILE D 249 -4.82 -28.75 -18.47
C ILE D 249 -3.53 -28.77 -19.30
N ALA D 250 -2.37 -28.61 -18.66
CA ALA D 250 -1.04 -28.58 -19.33
C ALA D 250 -0.83 -29.89 -20.11
N THR D 251 -1.15 -31.03 -19.51
CA THR D 251 -1.02 -32.37 -20.14
C THR D 251 -1.90 -32.44 -21.39
N LEU D 252 -3.17 -32.05 -21.29
CA LEU D 252 -4.12 -32.07 -22.43
C LEU D 252 -3.64 -31.13 -23.54
N GLU D 253 -3.30 -29.89 -23.20
CA GLU D 253 -2.98 -28.83 -24.19
C GLU D 253 -1.65 -29.15 -24.89
N ASN D 254 -0.64 -29.63 -24.18
CA ASN D 254 0.70 -29.96 -24.76
C ASN D 254 0.60 -31.23 -25.61
N ARG D 255 -0.32 -32.14 -25.27
CA ARG D 255 -0.60 -33.35 -26.07
C ARG D 255 -1.27 -32.95 -27.39
N GLN D 256 -2.30 -32.11 -27.32
CA GLN D 256 -3.23 -31.84 -28.44
C GLN D 256 -2.73 -30.73 -29.36
N GLY D 257 -1.98 -29.74 -28.83
CA GLY D 257 -1.78 -28.44 -29.50
C GLY D 257 -3.10 -27.72 -29.65
N LEU D 258 -4.06 -28.02 -28.77
CA LEU D 258 -5.38 -27.36 -28.70
C LEU D 258 -5.58 -26.90 -27.27
N LYS D 259 -6.27 -25.78 -27.08
CA LYS D 259 -6.50 -25.18 -25.74
C LYS D 259 -7.85 -25.64 -25.20
N VAL D 260 -7.93 -25.79 -23.89
CA VAL D 260 -9.20 -25.99 -23.14
C VAL D 260 -9.63 -24.61 -22.61
N ALA D 261 -10.86 -24.19 -22.91
CA ALA D 261 -11.51 -22.99 -22.36
C ALA D 261 -10.75 -21.73 -22.79
N CYS D 262 -10.36 -21.65 -24.05
CA CYS D 262 -9.91 -20.41 -24.75
C CYS D 262 -11.16 -19.67 -25.22
N PRO D 263 -11.59 -18.57 -24.53
CA PRO D 263 -12.86 -17.91 -24.87
C PRO D 263 -12.89 -17.35 -26.31
N GLU D 264 -11.78 -16.81 -26.81
CA GLU D 264 -11.69 -16.28 -28.20
C GLU D 264 -12.03 -17.40 -29.19
N GLU D 265 -11.46 -18.59 -28.99
CA GLU D 265 -11.70 -19.78 -29.84
C GLU D 265 -13.19 -20.15 -29.81
N ILE D 266 -13.77 -20.24 -28.60
CA ILE D 266 -15.18 -20.68 -28.44
C ILE D 266 -16.10 -19.66 -29.12
N ALA D 267 -15.84 -18.36 -28.95
CA ALA D 267 -16.64 -17.28 -29.57
C ALA D 267 -16.58 -17.40 -31.10
N TYR D 268 -15.38 -17.64 -31.65
CA TYR D 268 -15.13 -17.79 -33.09
C TYR D 268 -15.90 -19.00 -33.64
N ARG D 269 -15.82 -20.14 -32.94
CA ARG D 269 -16.46 -21.40 -33.38
C ARG D 269 -17.98 -21.32 -33.22
N GLN D 270 -18.48 -20.52 -32.27
CA GLN D 270 -19.93 -20.27 -32.11
C GLN D 270 -20.39 -19.22 -33.13
N LYS D 271 -19.45 -18.61 -33.85
CA LYS D 271 -19.69 -17.56 -34.90
C LYS D 271 -20.22 -16.29 -34.22
N TRP D 272 -19.82 -16.05 -32.97
CA TRP D 272 -20.14 -14.82 -32.19
C TRP D 272 -19.16 -13.72 -32.57
N ILE D 273 -18.00 -14.09 -33.09
CA ILE D 273 -17.02 -13.17 -33.74
C ILE D 273 -16.58 -13.83 -35.05
N ASP D 274 -16.13 -13.04 -36.02
CA ASP D 274 -15.73 -13.54 -37.36
C ASP D 274 -14.20 -13.56 -37.44
N ALA D 275 -13.66 -14.02 -38.58
CA ALA D 275 -12.21 -14.14 -38.84
C ALA D 275 -11.51 -12.79 -38.58
N ALA D 276 -12.10 -11.70 -39.06
CA ALA D 276 -11.53 -10.34 -38.97
C ALA D 276 -11.38 -9.93 -37.50
N GLN D 277 -12.42 -10.16 -36.69
CA GLN D 277 -12.41 -9.81 -35.23
C GLN D 277 -11.35 -10.67 -34.54
N LEU D 278 -11.29 -11.98 -34.83
CA LEU D 278 -10.31 -12.90 -34.20
C LEU D 278 -8.88 -12.44 -34.52
N GLU D 279 -8.63 -12.06 -35.78
CA GLU D 279 -7.31 -11.59 -36.24
C GLU D 279 -6.91 -10.35 -35.44
N LYS D 280 -7.84 -9.42 -35.22
CA LYS D 280 -7.62 -8.19 -34.41
C LYS D 280 -7.23 -8.57 -32.98
N LEU D 281 -7.90 -9.57 -32.39
CA LEU D 281 -7.62 -10.05 -31.00
C LEU D 281 -6.23 -10.69 -30.94
N ALA D 282 -5.80 -11.37 -32.01
CA ALA D 282 -4.50 -12.06 -32.10
C ALA D 282 -3.35 -11.04 -32.12
N ALA D 283 -3.52 -9.92 -32.83
CA ALA D 283 -2.47 -8.91 -33.12
C ALA D 283 -1.66 -8.60 -31.86
N PRO D 284 -2.26 -8.06 -30.76
CA PRO D 284 -1.49 -7.67 -29.58
C PRO D 284 -0.86 -8.83 -28.80
N LEU D 285 -1.20 -10.09 -29.12
CA LEU D 285 -0.69 -11.30 -28.44
C LEU D 285 0.24 -12.08 -29.38
N ALA D 286 0.51 -11.54 -30.57
CA ALA D 286 1.20 -12.22 -31.70
C ALA D 286 2.59 -12.73 -31.30
N LYS D 287 3.21 -12.12 -30.28
CA LYS D 287 4.58 -12.43 -29.81
C LYS D 287 4.61 -13.74 -29.01
N ASN D 288 3.52 -14.09 -28.31
CA ASN D 288 3.46 -15.28 -27.41
C ASN D 288 2.66 -16.40 -28.07
N GLY D 289 2.64 -17.58 -27.44
CA GLY D 289 1.97 -18.80 -27.93
C GLY D 289 0.46 -18.63 -28.02
N TYR D 290 -0.14 -17.81 -27.16
CA TYR D 290 -1.62 -17.64 -27.10
C TYR D 290 -2.10 -16.91 -28.36
N GLY D 291 -1.45 -15.79 -28.70
CA GLY D 291 -1.71 -15.04 -29.95
C GLY D 291 -1.43 -15.89 -31.19
N GLN D 292 -0.32 -16.63 -31.20
CA GLN D 292 0.05 -17.54 -32.32
C GLN D 292 -1.03 -18.62 -32.45
N TYR D 293 -1.58 -19.11 -31.33
CA TYR D 293 -2.68 -20.11 -31.30
C TYR D 293 -3.92 -19.51 -31.99
N LEU D 294 -4.31 -18.28 -31.64
CA LEU D 294 -5.48 -17.59 -32.24
C LEU D 294 -5.27 -17.42 -33.75
N LYS D 295 -4.04 -17.09 -34.19
CA LYS D 295 -3.69 -16.94 -35.62
C LYS D 295 -3.88 -18.29 -36.33
N ARG D 296 -3.33 -19.37 -35.76
CA ARG D 296 -3.44 -20.75 -36.33
C ARG D 296 -4.92 -21.13 -36.51
N LEU D 297 -5.82 -20.67 -35.63
CA LEU D 297 -7.28 -21.00 -35.68
C LEU D 297 -7.90 -20.50 -36.98
N LEU D 298 -7.37 -19.42 -37.58
CA LEU D 298 -7.95 -18.78 -38.79
C LEU D 298 -7.77 -19.69 -40.02
N THR D 299 -6.71 -20.51 -40.04
CA THR D 299 -6.25 -21.26 -41.24
C THR D 299 -6.45 -22.78 -41.08
N GLU D 300 -6.49 -23.31 -39.86
CA GLU D 300 -6.55 -24.77 -39.60
C GLU D 300 -8.00 -25.24 -39.46
N THR D 301 -8.34 -26.38 -40.08
CA THR D 301 -9.61 -27.12 -39.85
C THR D 301 -9.42 -28.02 -38.62
N VAL D 302 -10.22 -27.80 -37.57
CA VAL D 302 -10.22 -28.63 -36.34
C VAL D 302 -11.62 -29.25 -36.17
N TYR D 303 -11.68 -30.58 -36.18
CA TYR D 303 -12.93 -31.37 -36.07
C TYR D 303 -13.28 -31.52 -34.58
#